data_6G2P
#
_entry.id   6G2P
#
_cell.length_a   152.092
_cell.length_b   175.338
_cell.length_c   94.436
_cell.angle_alpha   90.00
_cell.angle_beta   90.00
_cell.angle_gamma   90.00
#
_symmetry.space_group_name_H-M   'C 2 2 21'
#
loop_
_entity.id
_entity.type
_entity.pdbx_description
1 polymer 'Flavin-dependent L-tryptophan oxidase VioA'
2 non-polymer 'FLAVIN-ADENINE DINUCLEOTIDE'
3 non-polymer TRYPTOPHAN
4 non-polymer 1,2-ETHANEDIOL
5 non-polymer 'MAGNESIUM ION'
6 water water
#
_entity_poly.entity_id   1
_entity_poly.type   'polypeptide(L)'
_entity_poly.pdbx_seq_one_letter_code
;KHSSDICIVGAGISGLTCASHLLDSPACRGLSLRIFDMQQEAGGRIRSKMLDGKASIELGAGRYSPQLHPHFQSAMQHYS
QKSEVYPFTQLKFKSHVQQKLKRAMNELSPRLKEHGKESFLQFVSRYQGHDSAVGMIRSMGYDALFLPDISAEMAYDIVG
KHPEIQSVTDNDANQWFAAETGFAGLIQGIKAKVKAAGARFSLGYRLLSVRTDGDGYLLQLAGDDGWKLEHRTRHLILAI
PPSAMAGLNVDFPEAWSGARYGSLPLFKGFLTYGEPWWLDYKLDDQVLIVDNPLRKIYFKGDKYLFFYTDSEMANYWRGC
VAEGEDGYLEQIRTHLASALGIVRERIPQPLAHVHKYWAHGVEFCRDSDIDHPSALSHRDSGIIACSDAYTEHCGWMEGG
LLSAREASRLLLQRIAA
;
_entity_poly.pdbx_strand_id   B,A
#
loop_
_chem_comp.id
_chem_comp.type
_chem_comp.name
_chem_comp.formula
EDO non-polymer 1,2-ETHANEDIOL 'C2 H6 O2'
FAD non-polymer 'FLAVIN-ADENINE DINUCLEOTIDE' 'C27 H33 N9 O15 P2'
MG non-polymer 'MAGNESIUM ION' 'Mg 2'
#
# COMPACT_ATOMS: atom_id res chain seq x y z
N LYS A 1 0.99 19.24 -9.07
CA LYS A 1 0.03 20.33 -9.19
C LYS A 1 0.33 21.15 -10.43
N HIS A 2 0.50 20.46 -11.55
CA HIS A 2 0.83 21.15 -12.78
C HIS A 2 0.11 20.51 -13.95
N SER A 3 0.80 20.36 -15.08
CA SER A 3 0.12 20.04 -16.32
C SER A 3 1.10 19.34 -17.26
N SER A 4 0.58 18.94 -18.42
CA SER A 4 1.36 18.26 -19.44
C SER A 4 0.60 18.32 -20.75
N ASP A 5 1.33 18.19 -21.86
CA ASP A 5 0.63 18.02 -23.14
C ASP A 5 -0.04 16.65 -23.25
N ILE A 6 0.66 15.60 -22.82
CA ILE A 6 0.16 14.23 -22.91
C ILE A 6 0.21 13.63 -21.52
N CYS A 7 -0.82 12.88 -21.16
CA CYS A 7 -0.85 12.14 -19.90
C CYS A 7 -1.25 10.70 -20.15
N ILE A 8 -0.58 9.78 -19.45
CA ILE A 8 -0.92 8.36 -19.47
C ILE A 8 -1.15 7.92 -18.02
N VAL A 9 -2.34 7.35 -17.76
CA VAL A 9 -2.66 6.70 -16.49
C VAL A 9 -2.58 5.19 -16.68
N GLY A 10 -1.64 4.56 -15.97
CA GLY A 10 -1.39 3.14 -16.10
C GLY A 10 0.05 2.92 -16.52
N ALA A 11 0.85 2.33 -15.63
CA ALA A 11 2.23 2.02 -15.93
C ALA A 11 2.50 0.50 -16.00
N GLY A 12 1.53 -0.27 -16.49
CA GLY A 12 1.77 -1.63 -16.90
C GLY A 12 2.47 -1.66 -18.25
N ILE A 13 2.49 -2.86 -18.85
CA ILE A 13 3.20 -3.00 -20.11
C ILE A 13 2.47 -2.25 -21.22
N SER A 14 1.14 -2.11 -21.13
CA SER A 14 0.40 -1.31 -22.10
C SER A 14 0.76 0.17 -22.00
N GLY A 15 0.66 0.75 -20.80
CA GLY A 15 0.95 2.16 -20.63
C GLY A 15 2.38 2.52 -20.98
N LEU A 16 3.35 1.73 -20.52
CA LEU A 16 4.75 2.02 -20.83
C LEU A 16 5.03 1.95 -22.32
N THR A 17 4.42 0.98 -23.01
CA THR A 17 4.59 0.86 -24.46
C THR A 17 3.92 2.02 -25.20
N CYS A 18 2.72 2.43 -24.77
CA CYS A 18 2.14 3.66 -25.31
C CYS A 18 3.14 4.80 -25.26
N ALA A 19 3.72 5.05 -24.09
CA ALA A 19 4.64 6.15 -23.94
C ALA A 19 5.82 6.01 -24.90
N SER A 20 6.31 4.78 -25.08
CA SER A 20 7.46 4.54 -25.94
C SER A 20 7.14 4.85 -27.41
N HIS A 21 5.98 4.43 -27.90
CA HIS A 21 5.58 4.77 -29.27
C HIS A 21 5.44 6.26 -29.45
N LEU A 22 4.90 6.97 -28.46
CA LEU A 22 4.70 8.40 -28.63
C LEU A 22 6.02 9.14 -28.66
N LEU A 23 6.90 8.87 -27.69
CA LEU A 23 8.18 9.56 -27.63
C LEU A 23 9.05 9.27 -28.85
N ASP A 24 8.78 8.16 -29.55
CA ASP A 24 9.48 7.84 -30.79
C ASP A 24 9.01 8.67 -31.99
N SER A 25 7.77 9.17 -31.95
CA SER A 25 7.20 9.90 -33.09
C SER A 25 7.76 11.32 -33.15
N PRO A 26 8.04 11.81 -34.36
CA PRO A 26 8.56 13.16 -34.57
C PRO A 26 7.52 14.18 -34.14
N ALA A 27 6.26 13.82 -34.22
CA ALA A 27 5.13 14.65 -33.85
C ALA A 27 5.04 15.08 -32.40
N CYS A 28 5.73 14.42 -31.49
CA CYS A 28 5.77 14.80 -30.12
C CYS A 28 7.01 15.59 -29.71
N ARG A 29 7.88 16.03 -30.63
CA ARG A 29 9.01 16.84 -30.21
C ARG A 29 8.52 18.09 -29.50
N GLY A 30 9.10 18.38 -28.33
CA GLY A 30 8.69 19.52 -27.52
C GLY A 30 7.51 19.28 -26.61
N LEU A 31 6.67 18.27 -26.89
CA LEU A 31 5.54 17.97 -26.04
C LEU A 31 5.99 17.29 -24.75
N SER A 32 5.32 17.63 -23.65
CA SER A 32 5.61 17.08 -22.35
CA SER A 32 5.62 17.06 -22.35
C SER A 32 4.70 15.88 -22.07
N LEU A 33 5.20 14.92 -21.31
CA LEU A 33 4.48 13.67 -21.07
C LEU A 33 4.60 13.26 -19.62
N ARG A 34 3.45 13.06 -18.97
CA ARG A 34 3.34 12.67 -17.56
C ARG A 34 2.67 11.30 -17.42
N ILE A 35 3.25 10.41 -16.60
CA ILE A 35 2.70 9.07 -16.38
C ILE A 35 2.31 8.88 -14.91
N PHE A 36 1.08 8.46 -14.65
CA PHE A 36 0.57 8.16 -13.32
C PHE A 36 0.30 6.67 -13.16
N ASP A 37 0.52 6.17 -11.93
CA ASP A 37 0.10 4.82 -11.53
C ASP A 37 -0.08 4.81 -10.02
N MET A 38 -1.14 4.10 -9.57
CA MET A 38 -1.46 4.08 -8.14
C MET A 38 -0.51 3.21 -7.33
N GLN A 39 0.19 2.26 -7.94
CA GLN A 39 1.23 1.48 -7.26
C GLN A 39 2.51 2.28 -7.17
N GLN A 40 3.40 1.87 -6.25
CA GLN A 40 4.69 2.54 -6.10
C GLN A 40 5.74 2.01 -7.05
N GLU A 41 5.46 0.92 -7.77
CA GLU A 41 6.33 0.53 -8.85
C GLU A 41 5.51 0.19 -10.09
N ALA A 42 6.17 0.30 -11.25
CA ALA A 42 5.61 -0.02 -12.55
C ALA A 42 5.56 -1.54 -12.75
N GLY A 43 4.66 -1.97 -13.62
CA GLY A 43 4.58 -3.36 -14.04
C GLY A 43 3.16 -3.88 -14.07
N GLY A 44 2.29 -3.32 -13.24
CA GLY A 44 0.91 -3.78 -13.21
C GLY A 44 0.80 -5.22 -12.76
N ARG A 45 0.21 -6.07 -13.63
CA ARG A 45 0.08 -7.50 -13.36
C ARG A 45 1.34 -8.29 -13.70
N ILE A 46 2.43 -7.59 -14.02
CA ILE A 46 3.78 -8.17 -14.07
C ILE A 46 4.46 -7.85 -12.74
N ARG A 47 4.73 -8.87 -11.93
CA ARG A 47 5.32 -8.66 -10.60
C ARG A 47 6.37 -9.73 -10.32
N SER A 48 7.65 -9.35 -10.42
CA SER A 48 8.75 -10.26 -10.12
C SER A 48 9.28 -10.00 -8.72
N LYS A 49 9.64 -11.07 -8.03
CA LYS A 49 10.14 -10.99 -6.67
C LYS A 49 11.32 -11.93 -6.50
N MET A 50 12.21 -11.58 -5.57
CA MET A 50 13.26 -12.49 -5.12
C MET A 50 12.77 -13.17 -3.84
N LEU A 51 12.44 -14.46 -3.95
CA LEU A 51 11.90 -15.24 -2.85
C LEU A 51 13.05 -15.82 -2.03
N ASP A 52 13.10 -15.44 -0.75
CA ASP A 52 14.12 -15.91 0.18
C ASP A 52 15.53 -15.80 -0.43
N GLY A 53 15.79 -14.65 -1.08
CA GLY A 53 17.05 -14.28 -1.68
C GLY A 53 17.88 -15.39 -2.31
N LYS A 54 17.26 -16.23 -3.14
CA LYS A 54 18.00 -17.32 -3.75
C LYS A 54 17.42 -17.74 -5.09
N ALA A 55 16.28 -17.17 -5.48
CA ALA A 55 15.58 -17.55 -6.70
C ALA A 55 14.50 -16.53 -7.02
N SER A 56 14.32 -16.24 -8.32
CA SER A 56 13.38 -15.23 -8.78
C SER A 56 12.07 -15.89 -9.22
N ILE A 57 10.95 -15.38 -8.70
CA ILE A 57 9.62 -15.96 -8.93
C ILE A 57 8.72 -14.91 -9.56
N GLU A 58 7.68 -15.39 -10.23
CA GLU A 58 6.70 -14.53 -10.89
C GLU A 58 5.36 -14.63 -10.16
N LEU A 59 4.94 -13.53 -9.53
CA LEU A 59 3.64 -13.50 -8.86
C LEU A 59 2.49 -13.17 -9.82
N GLY A 60 2.79 -12.51 -10.94
CA GLY A 60 1.83 -12.32 -12.01
C GLY A 60 2.19 -13.14 -13.25
N ALA A 61 2.29 -12.48 -14.41
CA ALA A 61 2.57 -13.16 -15.67
C ALA A 61 3.89 -13.92 -15.61
N GLY A 62 3.92 -15.10 -16.26
CA GLY A 62 5.10 -15.93 -16.12
C GLY A 62 5.66 -16.61 -17.36
N ARG A 63 4.91 -16.68 -18.47
CA ARG A 63 5.34 -17.48 -19.62
C ARG A 63 4.88 -16.79 -20.91
N TYR A 64 5.61 -17.04 -21.99
CA TYR A 64 5.19 -16.62 -23.31
C TYR A 64 5.65 -17.66 -24.33
N SER A 65 5.04 -17.61 -25.52
CA SER A 65 5.36 -18.51 -26.63
C SER A 65 5.72 -17.69 -27.86
N PRO A 66 6.89 -17.90 -28.48
CA PRO A 66 7.22 -17.13 -29.70
C PRO A 66 6.22 -17.32 -30.81
N GLN A 67 5.61 -18.52 -30.94
CA GLN A 67 4.62 -18.75 -31.98
C GLN A 67 3.32 -18.01 -31.70
N LEU A 68 2.83 -18.03 -30.46
CA LEU A 68 1.59 -17.33 -30.17
C LEU A 68 1.80 -15.84 -29.99
N HIS A 69 2.99 -15.42 -29.53
CA HIS A 69 3.22 -14.05 -29.07
C HIS A 69 4.47 -13.47 -29.73
N PRO A 70 4.43 -13.24 -31.05
CA PRO A 70 5.63 -12.68 -31.72
C PRO A 70 6.01 -11.28 -31.30
N HIS A 71 5.05 -10.38 -31.06
CA HIS A 71 5.43 -9.03 -30.64
C HIS A 71 6.08 -9.02 -29.26
N PHE A 72 5.61 -9.88 -28.34
CA PHE A 72 6.26 -9.94 -27.03
C PHE A 72 7.69 -10.46 -27.17
N GLN A 73 7.87 -11.45 -28.04
CA GLN A 73 9.21 -11.97 -28.34
C GLN A 73 10.12 -10.88 -28.84
N SER A 74 9.66 -10.10 -29.82
CA SER A 74 10.47 -9.00 -30.32
C SER A 74 10.77 -7.97 -29.23
N ALA A 75 9.79 -7.67 -28.36
CA ALA A 75 10.06 -6.75 -27.25
C ALA A 75 11.17 -7.25 -26.32
N MET A 76 11.16 -8.55 -25.97
CA MET A 76 12.25 -9.12 -25.18
C MET A 76 13.62 -8.91 -25.86
N GLN A 77 13.70 -9.12 -27.18
CA GLN A 77 14.97 -8.95 -27.89
CA GLN A 77 14.97 -8.96 -27.88
C GLN A 77 15.38 -7.49 -27.94
N HIS A 78 14.44 -6.60 -28.26
CA HIS A 78 14.75 -5.19 -28.36
C HIS A 78 15.42 -4.65 -27.11
N TYR A 79 15.05 -5.16 -25.93
CA TYR A 79 15.61 -4.66 -24.69
C TYR A 79 16.65 -5.59 -24.10
N SER A 80 17.06 -6.60 -24.87
CA SER A 80 18.18 -7.48 -24.50
C SER A 80 17.90 -8.28 -23.22
N GLN A 81 16.67 -8.79 -23.08
CA GLN A 81 16.29 -9.63 -21.95
C GLN A 81 16.47 -11.10 -22.33
N LYS A 82 17.12 -11.87 -21.47
CA LYS A 82 17.38 -13.25 -21.85
C LYS A 82 16.28 -14.16 -21.30
N SER A 83 15.89 -15.14 -22.12
CA SER A 83 14.84 -16.11 -21.92
C SER A 83 15.43 -17.44 -21.48
N GLU A 84 14.55 -18.37 -21.15
CA GLU A 84 14.97 -19.70 -20.76
C GLU A 84 13.79 -20.65 -20.95
N VAL A 85 14.08 -21.95 -21.13
CA VAL A 85 13.03 -22.91 -21.41
C VAL A 85 12.09 -23.02 -20.22
N TYR A 86 10.80 -22.90 -20.49
CA TYR A 86 9.75 -23.15 -19.50
C TYR A 86 9.39 -24.64 -19.53
N PRO A 87 9.56 -25.37 -18.42
CA PRO A 87 9.45 -26.85 -18.49
C PRO A 87 8.04 -27.43 -18.50
N PHE A 88 7.04 -26.72 -17.99
CA PHE A 88 5.74 -27.33 -17.70
C PHE A 88 4.85 -27.38 -18.94
N THR A 89 5.30 -28.18 -19.93
CA THR A 89 4.56 -28.40 -21.17
C THR A 89 4.06 -29.83 -21.35
N GLN A 90 4.29 -30.72 -20.38
CA GLN A 90 3.78 -32.08 -20.47
C GLN A 90 3.52 -32.63 -19.07
N LEU A 91 2.62 -33.61 -19.00
CA LEU A 91 2.28 -34.30 -17.75
C LEU A 91 2.97 -35.66 -17.72
N LYS A 92 4.03 -35.77 -16.91
CA LYS A 92 4.77 -37.03 -16.76
C LYS A 92 3.96 -38.09 -16.02
N PHE A 93 3.10 -37.68 -15.08
CA PHE A 93 2.31 -38.62 -14.27
C PHE A 93 0.83 -38.36 -14.53
N LYS A 94 0.30 -38.93 -15.61
CA LYS A 94 -1.12 -38.77 -15.94
C LYS A 94 -1.98 -39.75 -15.14
N SER A 95 -3.18 -39.29 -14.79
CA SER A 95 -4.21 -40.15 -14.25
C SER A 95 -4.95 -40.83 -15.39
N HIS A 96 -5.80 -41.80 -15.04
CA HIS A 96 -6.59 -42.53 -16.05
C HIS A 96 -7.38 -41.56 -16.94
N VAL A 97 -8.17 -40.68 -16.32
CA VAL A 97 -8.96 -39.68 -17.04
C VAL A 97 -8.09 -38.82 -17.95
N GLN A 98 -6.92 -38.38 -17.46
CA GLN A 98 -6.09 -37.48 -18.23
C GLN A 98 -5.59 -38.14 -19.50
N GLN A 99 -5.45 -39.47 -19.49
CA GLN A 99 -5.06 -40.19 -20.71
C GLN A 99 -6.19 -40.30 -21.72
N LYS A 100 -7.44 -40.39 -21.28
CA LYS A 100 -8.58 -40.34 -22.20
C LYS A 100 -8.81 -38.95 -22.79
N LEU A 101 -8.15 -37.92 -22.26
CA LEU A 101 -8.59 -36.54 -22.45
C LEU A 101 -8.53 -36.12 -23.91
N LYS A 102 -7.40 -36.38 -24.56
CA LYS A 102 -7.19 -35.90 -25.93
C LYS A 102 -8.13 -36.57 -26.92
N ARG A 103 -8.38 -37.88 -26.75
CA ARG A 103 -9.24 -38.59 -27.70
C ARG A 103 -10.68 -38.13 -27.58
N ALA A 104 -11.16 -37.96 -26.35
CA ALA A 104 -12.52 -37.46 -26.14
C ALA A 104 -12.66 -36.07 -26.73
N MET A 105 -11.67 -35.22 -26.50
CA MET A 105 -11.74 -33.85 -27.01
CA MET A 105 -11.70 -33.85 -27.01
C MET A 105 -11.64 -33.82 -28.53
N ASN A 106 -10.89 -34.75 -29.13
CA ASN A 106 -10.78 -34.81 -30.59
C ASN A 106 -12.08 -35.27 -31.23
N GLU A 107 -12.73 -36.28 -30.64
CA GLU A 107 -14.00 -36.76 -31.19
C GLU A 107 -15.12 -35.75 -31.00
N LEU A 108 -15.10 -34.98 -29.91
CA LEU A 108 -16.18 -34.04 -29.61
C LEU A 108 -16.11 -32.79 -30.48
N SER A 109 -14.95 -32.50 -31.08
CA SER A 109 -14.74 -31.22 -31.73
C SER A 109 -15.68 -30.91 -32.90
N PRO A 110 -16.14 -31.88 -33.71
CA PRO A 110 -17.05 -31.48 -34.80
C PRO A 110 -18.38 -30.95 -34.32
N ARG A 111 -18.96 -31.52 -33.26
CA ARG A 111 -20.25 -31.08 -32.76
C ARG A 111 -20.25 -29.62 -32.33
N LEU A 112 -19.09 -28.97 -32.29
CA LEU A 112 -19.01 -27.53 -32.05
C LEU A 112 -19.53 -26.71 -33.23
N LYS A 113 -19.97 -27.37 -34.30
CA LYS A 113 -20.68 -26.66 -35.37
C LYS A 113 -22.11 -26.35 -34.97
N GLU A 114 -22.77 -27.28 -34.26
CA GLU A 114 -24.14 -27.08 -33.79
C GLU A 114 -24.16 -26.37 -32.44
N HIS A 115 -23.79 -27.08 -31.37
CA HIS A 115 -23.79 -26.56 -30.01
C HIS A 115 -22.59 -25.68 -29.70
N GLY A 116 -22.23 -24.79 -30.62
CA GLY A 116 -21.06 -23.96 -30.45
C GLY A 116 -21.09 -23.04 -29.25
N LYS A 117 -21.91 -21.99 -29.30
CA LYS A 117 -21.87 -20.92 -28.31
C LYS A 117 -22.48 -21.35 -26.97
N GLU A 118 -22.61 -22.66 -26.77
CA GLU A 118 -23.12 -23.22 -25.54
C GLU A 118 -22.02 -23.24 -24.46
N SER A 119 -22.44 -23.22 -23.19
CA SER A 119 -21.47 -23.30 -22.11
C SER A 119 -20.72 -24.63 -22.19
N PHE A 120 -19.41 -24.57 -21.97
CA PHE A 120 -18.56 -25.73 -22.22
C PHE A 120 -18.94 -26.92 -21.35
N LEU A 121 -19.38 -26.69 -20.10
CA LEU A 121 -19.83 -27.81 -19.28
C LEU A 121 -21.04 -28.49 -19.91
N GLN A 122 -21.97 -27.70 -20.47
CA GLN A 122 -23.15 -28.28 -21.11
C GLN A 122 -22.76 -29.11 -22.34
N PHE A 123 -21.99 -28.50 -23.25
CA PHE A 123 -21.48 -29.19 -24.43
C PHE A 123 -20.95 -30.59 -24.09
N VAL A 124 -19.95 -30.66 -23.22
CA VAL A 124 -19.31 -31.94 -22.89
C VAL A 124 -20.27 -32.86 -22.15
N SER A 125 -21.20 -32.32 -21.37
CA SER A 125 -22.17 -33.15 -20.68
C SER A 125 -23.31 -33.64 -21.57
N ARG A 126 -23.44 -33.09 -22.79
CA ARG A 126 -24.47 -33.57 -23.71
C ARG A 126 -24.08 -34.87 -24.41
N TYR A 127 -22.78 -35.20 -24.43
CA TYR A 127 -22.28 -36.36 -25.17
C TYR A 127 -21.59 -37.38 -24.28
N GLN A 128 -21.59 -37.16 -22.96
CA GLN A 128 -21.24 -38.16 -21.99
C GLN A 128 -22.07 -37.86 -20.75
N GLY A 129 -21.98 -38.72 -19.74
CA GLY A 129 -22.63 -38.40 -18.49
C GLY A 129 -22.16 -37.05 -17.98
N HIS A 130 -23.06 -36.26 -17.40
CA HIS A 130 -22.61 -35.01 -16.80
C HIS A 130 -21.65 -35.29 -15.63
N ASP A 131 -21.90 -36.36 -14.88
CA ASP A 131 -20.89 -36.81 -13.92
C ASP A 131 -19.56 -37.11 -14.61
N SER A 132 -19.61 -37.64 -15.84
CA SER A 132 -18.39 -37.93 -16.59
C SER A 132 -17.77 -36.68 -17.21
N ALA A 133 -18.59 -35.66 -17.50
CA ALA A 133 -18.06 -34.38 -17.98
C ALA A 133 -17.27 -33.66 -16.88
N VAL A 134 -17.84 -33.57 -15.68
CA VAL A 134 -17.13 -32.96 -14.54
C VAL A 134 -15.77 -33.62 -14.35
N GLY A 135 -15.67 -34.93 -14.56
CA GLY A 135 -14.39 -35.60 -14.41
C GLY A 135 -13.41 -35.22 -15.50
N MET A 136 -13.88 -35.17 -16.75
CA MET A 136 -13.02 -34.82 -17.89
C MET A 136 -12.47 -33.41 -17.75
N ILE A 137 -13.37 -32.45 -17.53
CA ILE A 137 -12.99 -31.03 -17.52
C ILE A 137 -12.00 -30.75 -16.38
N ARG A 138 -12.31 -31.21 -15.16
CA ARG A 138 -11.45 -30.88 -14.04
C ARG A 138 -10.06 -31.48 -14.17
N SER A 139 -9.87 -32.49 -15.02
CA SER A 139 -8.55 -33.06 -15.20
C SER A 139 -7.58 -32.10 -15.89
N MET A 140 -8.08 -30.95 -16.35
CA MET A 140 -7.23 -29.93 -16.95
C MET A 140 -6.84 -28.80 -16.00
N GLY A 141 -7.46 -28.70 -14.82
CA GLY A 141 -6.92 -27.87 -13.74
C GLY A 141 -7.26 -26.39 -13.81
N TYR A 142 -7.91 -25.94 -14.87
CA TYR A 142 -8.37 -24.56 -14.99
C TYR A 142 -9.87 -24.53 -14.71
N ASP A 143 -10.25 -24.05 -13.53
CA ASP A 143 -11.66 -24.11 -13.14
C ASP A 143 -12.53 -23.09 -13.87
N ALA A 144 -11.93 -22.18 -14.63
CA ALA A 144 -12.70 -21.31 -15.52
C ALA A 144 -13.58 -22.11 -16.48
N LEU A 145 -13.15 -23.32 -16.84
CA LEU A 145 -13.86 -24.09 -17.84
C LEU A 145 -15.19 -24.64 -17.34
N PHE A 146 -15.50 -24.49 -16.05
CA PHE A 146 -16.79 -24.88 -15.49
C PHE A 146 -17.79 -23.73 -15.41
N LEU A 147 -17.42 -22.50 -15.94
CA LEU A 147 -18.22 -21.29 -15.76
C LEU A 147 -19.26 -21.16 -16.87
N PRO A 148 -20.48 -20.76 -16.50
CA PRO A 148 -21.54 -20.63 -17.52
C PRO A 148 -21.25 -19.59 -18.56
N ASP A 149 -20.45 -18.58 -18.24
CA ASP A 149 -20.12 -17.52 -19.16
C ASP A 149 -19.05 -17.92 -20.17
N ILE A 150 -18.46 -19.11 -20.06
CA ILE A 150 -17.41 -19.57 -20.95
C ILE A 150 -18.02 -20.57 -21.92
N SER A 151 -18.12 -20.19 -23.19
CA SER A 151 -18.72 -21.06 -24.19
C SER A 151 -17.82 -22.27 -24.45
N ALA A 152 -18.40 -23.28 -25.12
CA ALA A 152 -17.60 -24.40 -25.60
C ALA A 152 -16.54 -23.96 -26.59
N GLU A 153 -16.80 -22.87 -27.32
CA GLU A 153 -15.81 -22.37 -28.27
C GLU A 153 -14.65 -21.69 -27.55
N MET A 154 -14.94 -20.83 -26.57
CA MET A 154 -13.88 -20.19 -25.80
C MET A 154 -13.01 -21.21 -25.09
N ALA A 155 -13.60 -22.32 -24.63
CA ALA A 155 -12.82 -23.32 -23.90
C ALA A 155 -11.78 -23.98 -24.80
N TYR A 156 -12.16 -24.30 -26.05
CA TYR A 156 -11.20 -24.90 -26.97
C TYR A 156 -10.04 -23.95 -27.25
N ASP A 157 -10.30 -22.64 -27.26
CA ASP A 157 -9.21 -21.68 -27.45
C ASP A 157 -8.35 -21.54 -26.19
N ILE A 158 -8.96 -21.60 -25.01
CA ILE A 158 -8.20 -21.53 -23.77
C ILE A 158 -7.31 -22.76 -23.61
N VAL A 159 -7.87 -23.96 -23.85
CA VAL A 159 -7.08 -25.19 -23.74
C VAL A 159 -5.88 -25.16 -24.69
N GLY A 160 -6.10 -24.72 -25.93
CA GLY A 160 -5.04 -24.78 -26.92
C GLY A 160 -3.95 -23.74 -26.74
N LYS A 161 -4.12 -22.76 -25.86
CA LYS A 161 -3.12 -21.70 -25.67
C LYS A 161 -2.39 -21.77 -24.33
N HIS A 162 -2.62 -22.82 -23.52
CA HIS A 162 -1.93 -22.92 -22.22
C HIS A 162 -0.97 -24.09 -22.19
N PRO A 163 0.27 -23.89 -21.71
CA PRO A 163 1.31 -24.90 -21.96
C PRO A 163 1.09 -26.23 -21.27
N GLU A 164 0.33 -26.27 -20.16
CA GLU A 164 0.17 -27.54 -19.47
C GLU A 164 -0.75 -28.50 -20.21
N ILE A 165 -1.62 -27.98 -21.08
CA ILE A 165 -2.70 -28.78 -21.66
C ILE A 165 -2.84 -28.55 -23.17
N GLN A 166 -1.87 -27.86 -23.79
CA GLN A 166 -1.98 -27.60 -25.22
C GLN A 166 -1.92 -28.89 -26.04
N SER A 167 -1.27 -29.92 -25.51
CA SER A 167 -1.20 -31.20 -26.21
C SER A 167 -2.58 -31.85 -26.38
N VAL A 168 -3.56 -31.48 -25.55
CA VAL A 168 -4.92 -31.98 -25.67
C VAL A 168 -5.60 -31.56 -26.99
N THR A 169 -5.15 -30.48 -27.65
CA THR A 169 -5.70 -30.09 -28.94
C THR A 169 -4.64 -30.02 -30.04
N ASP A 170 -3.56 -30.80 -29.93
CA ASP A 170 -2.50 -30.86 -30.95
C ASP A 170 -1.87 -29.50 -31.23
N ASN A 171 -1.48 -28.79 -30.16
CA ASN A 171 -0.73 -27.55 -30.29
C ASN A 171 0.63 -27.64 -29.61
N ASP A 172 1.19 -28.86 -29.54
CA ASP A 172 2.54 -29.09 -29.06
C ASP A 172 3.60 -28.36 -29.87
N ALA A 173 3.30 -27.92 -31.09
CA ALA A 173 4.28 -27.15 -31.84
C ALA A 173 4.70 -25.86 -31.14
N ASN A 174 3.98 -25.45 -30.09
CA ASN A 174 4.24 -24.16 -29.45
C ASN A 174 5.28 -24.33 -28.34
N GLN A 175 6.35 -23.56 -28.44
CA GLN A 175 7.40 -23.53 -27.42
C GLN A 175 7.04 -22.49 -26.37
N TRP A 176 7.56 -22.69 -25.15
CA TRP A 176 7.32 -21.76 -24.04
C TRP A 176 8.64 -21.38 -23.37
N PHE A 177 8.73 -20.10 -23.00
CA PHE A 177 9.92 -19.53 -22.39
C PHE A 177 9.50 -18.68 -21.20
N ALA A 178 10.38 -18.56 -20.22
CA ALA A 178 10.23 -17.55 -19.18
C ALA A 178 11.43 -16.60 -19.22
N ALA A 179 11.35 -15.52 -18.44
CA ALA A 179 12.45 -14.58 -18.35
C ALA A 179 13.49 -15.09 -17.37
N GLU A 180 14.76 -14.86 -17.69
CA GLU A 180 15.85 -15.37 -16.86
C GLU A 180 15.91 -14.64 -15.52
N THR A 181 15.72 -13.32 -15.53
CA THR A 181 15.73 -12.50 -14.32
C THR A 181 14.35 -11.99 -13.93
N GLY A 182 13.29 -12.51 -14.51
CA GLY A 182 11.98 -11.95 -14.25
C GLY A 182 11.57 -10.91 -15.29
N PHE A 183 10.27 -10.87 -15.60
CA PHE A 183 9.75 -9.89 -16.54
C PHE A 183 9.84 -8.47 -16.03
N ALA A 184 10.12 -8.27 -14.74
CA ALA A 184 10.41 -6.92 -14.26
C ALA A 184 11.59 -6.30 -14.97
N GLY A 185 12.50 -7.12 -15.51
CA GLY A 185 13.62 -6.60 -16.28
C GLY A 185 13.20 -6.02 -17.62
N LEU A 186 12.14 -6.57 -18.22
CA LEU A 186 11.61 -5.95 -19.42
C LEU A 186 10.97 -4.62 -19.07
N ILE A 187 10.18 -4.62 -18.00
CA ILE A 187 9.48 -3.41 -17.54
C ILE A 187 10.48 -2.31 -17.17
N GLN A 188 11.55 -2.67 -16.46
CA GLN A 188 12.55 -1.67 -16.15
CA GLN A 188 12.59 -1.71 -16.14
C GLN A 188 13.27 -1.18 -17.40
N GLY A 189 13.30 -2.00 -18.47
CA GLY A 189 13.94 -1.57 -19.70
C GLY A 189 13.15 -0.49 -20.43
N ILE A 190 11.85 -0.70 -20.58
CA ILE A 190 11.00 0.31 -21.22
C ILE A 190 10.98 1.58 -20.38
N LYS A 191 10.86 1.43 -19.05
CA LYS A 191 10.75 2.59 -18.17
C LYS A 191 11.98 3.48 -18.27
N ALA A 192 13.17 2.88 -18.25
CA ALA A 192 14.40 3.67 -18.41
C ALA A 192 14.46 4.36 -19.78
N LYS A 193 13.98 3.71 -20.83
CA LYS A 193 13.98 4.37 -22.14
C LYS A 193 13.05 5.57 -22.13
N VAL A 194 11.85 5.39 -21.62
CA VAL A 194 10.86 6.45 -21.58
C VAL A 194 11.31 7.61 -20.69
N LYS A 195 12.00 7.29 -19.58
CA LYS A 195 12.53 8.31 -18.68
C LYS A 195 13.70 9.07 -19.31
N ALA A 196 14.57 8.37 -20.03
CA ALA A 196 15.68 9.01 -20.72
C ALA A 196 15.22 9.94 -21.84
N ALA A 197 14.02 9.72 -22.38
CA ALA A 197 13.51 10.62 -23.41
C ALA A 197 12.75 11.80 -22.82
N GLY A 198 12.64 11.88 -21.49
CA GLY A 198 12.11 13.05 -20.82
C GLY A 198 10.73 12.92 -20.20
N ALA A 199 10.10 11.76 -20.24
CA ALA A 199 8.81 11.59 -19.57
C ALA A 199 8.98 11.65 -18.05
N ARG A 200 7.91 12.03 -17.36
CA ARG A 200 7.95 12.21 -15.92
CA ARG A 200 7.94 12.23 -15.91
C ARG A 200 6.95 11.29 -15.24
N PHE A 201 7.41 10.58 -14.22
CA PHE A 201 6.61 9.58 -13.49
C PHE A 201 6.10 10.11 -12.16
N SER A 202 4.84 9.82 -11.87
CA SER A 202 4.22 10.05 -10.55
C SER A 202 3.58 8.75 -10.11
N LEU A 203 4.35 7.90 -9.42
CA LEU A 203 3.82 6.66 -8.89
C LEU A 203 3.28 6.86 -7.47
N GLY A 204 2.33 6.00 -7.08
CA GLY A 204 1.59 6.18 -5.85
C GLY A 204 0.40 7.12 -5.91
N TYR A 205 -0.18 7.37 -7.08
CA TYR A 205 -1.31 8.28 -7.24
C TYR A 205 -2.45 7.58 -7.99
N ARG A 206 -3.65 7.63 -7.42
CA ARG A 206 -4.82 6.94 -7.95
C ARG A 206 -5.75 7.95 -8.59
N LEU A 207 -6.05 7.77 -9.88
CA LEU A 207 -7.05 8.57 -10.57
C LEU A 207 -8.43 8.29 -10.01
N LEU A 208 -9.14 9.34 -9.60
CA LEU A 208 -10.50 9.24 -9.07
C LEU A 208 -11.57 9.73 -10.04
N SER A 209 -11.27 10.75 -10.84
CA SER A 209 -12.25 11.27 -11.79
C SER A 209 -11.54 12.14 -12.80
N VAL A 210 -12.19 12.29 -13.96
CA VAL A 210 -11.71 13.10 -15.07
C VAL A 210 -12.90 13.83 -15.69
N ARG A 211 -12.71 15.08 -16.07
CA ARG A 211 -13.74 15.88 -16.72
C ARG A 211 -13.12 16.65 -17.88
N THR A 212 -13.90 16.85 -18.94
CA THR A 212 -13.46 17.73 -20.01
C THR A 212 -13.36 19.15 -19.50
N ASP A 213 -12.43 19.90 -20.09
CA ASP A 213 -12.18 21.29 -19.67
C ASP A 213 -11.64 22.05 -20.89
N GLY A 214 -12.57 22.55 -21.71
CA GLY A 214 -12.20 23.22 -22.95
C GLY A 214 -11.30 22.37 -23.81
N ASP A 215 -10.12 22.92 -24.14
CA ASP A 215 -9.05 22.18 -24.82
C ASP A 215 -8.96 20.71 -24.41
N GLY A 216 -8.73 20.47 -23.12
CA GLY A 216 -8.35 19.16 -22.65
C GLY A 216 -9.15 18.66 -21.47
N TYR A 217 -8.44 18.25 -20.42
CA TYR A 217 -9.02 17.42 -19.36
C TYR A 217 -8.43 17.81 -18.02
N LEU A 218 -9.27 17.67 -16.98
CA LEU A 218 -8.86 17.88 -15.59
C LEU A 218 -8.97 16.56 -14.85
N LEU A 219 -7.91 16.16 -14.15
CA LEU A 219 -7.86 14.88 -13.46
C LEU A 219 -7.73 15.09 -11.96
N GLN A 220 -8.56 14.40 -11.17
CA GLN A 220 -8.45 14.41 -9.71
C GLN A 220 -7.73 13.13 -9.29
N LEU A 221 -6.65 13.27 -8.51
CA LEU A 221 -5.88 12.12 -8.07
C LEU A 221 -5.60 12.20 -6.56
N ALA A 222 -5.50 11.02 -5.96
CA ALA A 222 -5.30 10.85 -4.52
C ALA A 222 -4.04 10.05 -4.29
N GLY A 223 -3.05 10.67 -3.60
CA GLY A 223 -1.85 9.95 -3.25
C GLY A 223 -2.13 8.88 -2.22
N ASP A 224 -1.27 7.86 -2.20
CA ASP A 224 -1.51 6.82 -1.18
C ASP A 224 -1.19 7.30 0.24
N ASP A 225 -0.88 8.58 0.44
CA ASP A 225 -0.73 9.12 1.79
C ASP A 225 -1.71 10.24 2.07
N GLY A 226 -2.74 10.41 1.23
CA GLY A 226 -3.81 11.35 1.48
C GLY A 226 -3.79 12.57 0.58
N TRP A 227 -2.61 12.96 0.10
CA TRP A 227 -2.42 14.22 -0.63
C TRP A 227 -3.24 14.29 -1.92
N LYS A 228 -4.23 15.18 -1.96
CA LYS A 228 -5.04 15.34 -3.17
C LYS A 228 -4.28 16.13 -4.21
N LEU A 229 -4.55 15.83 -5.47
CA LEU A 229 -3.82 16.46 -6.56
C LEU A 229 -4.66 16.57 -7.81
N GLU A 230 -4.55 17.71 -8.48
CA GLU A 230 -5.31 18.01 -9.68
C GLU A 230 -4.33 18.24 -10.82
N HIS A 231 -4.60 17.59 -11.98
CA HIS A 231 -3.66 17.62 -13.10
C HIS A 231 -4.39 17.90 -14.42
N ARG A 232 -3.77 18.73 -15.25
CA ARG A 232 -4.37 19.22 -16.49
C ARG A 232 -3.58 18.70 -17.69
N THR A 233 -4.29 18.19 -18.69
CA THR A 233 -3.59 17.69 -19.87
C THR A 233 -4.44 17.94 -21.11
N ARG A 234 -3.79 17.91 -22.28
CA ARG A 234 -4.48 18.09 -23.54
C ARG A 234 -4.82 16.78 -24.24
N HIS A 235 -4.06 15.71 -23.99
CA HIS A 235 -4.33 14.40 -24.59
C HIS A 235 -4.14 13.32 -23.54
N LEU A 236 -5.08 12.38 -23.48
CA LEU A 236 -5.17 11.43 -22.37
C LEU A 236 -5.36 10.01 -22.87
N ILE A 237 -4.51 9.09 -22.38
CA ILE A 237 -4.70 7.65 -22.55
C ILE A 237 -4.89 7.03 -21.17
N LEU A 238 -5.99 6.29 -21.00
CA LEU A 238 -6.23 5.46 -19.81
C LEU A 238 -5.82 4.03 -20.16
N ALA A 239 -4.59 3.65 -19.81
CA ALA A 239 -4.10 2.30 -20.05
C ALA A 239 -4.34 1.45 -18.80
N ILE A 240 -5.62 1.13 -18.60
CA ILE A 240 -6.08 0.38 -17.44
C ILE A 240 -7.14 -0.60 -17.88
N PRO A 241 -7.27 -1.73 -17.18
CA PRO A 241 -8.26 -2.76 -17.60
C PRO A 241 -9.69 -2.27 -17.45
N PRO A 242 -10.65 -3.00 -18.05
CA PRO A 242 -12.07 -2.59 -17.93
C PRO A 242 -12.59 -2.52 -16.50
N SER A 243 -12.15 -3.42 -15.62
CA SER A 243 -12.59 -3.33 -14.22
C SER A 243 -12.22 -1.98 -13.60
N ALA A 244 -11.05 -1.45 -13.95
CA ALA A 244 -10.68 -0.13 -13.44
C ALA A 244 -11.38 1.00 -14.19
N MET A 245 -11.68 0.83 -15.48
CA MET A 245 -12.48 1.83 -16.21
C MET A 245 -13.82 2.04 -15.54
N ALA A 246 -14.43 0.97 -15.03
CA ALA A 246 -15.79 1.05 -14.50
C ALA A 246 -15.86 1.93 -13.25
N GLY A 247 -14.76 2.01 -12.48
CA GLY A 247 -14.75 2.80 -11.26
C GLY A 247 -14.66 4.31 -11.48
N LEU A 248 -14.53 4.78 -12.71
CA LEU A 248 -14.43 6.20 -12.98
C LEU A 248 -15.80 6.74 -13.37
N ASN A 249 -15.84 8.03 -13.67
CA ASN A 249 -17.07 8.68 -14.13
C ASN A 249 -17.12 8.83 -15.64
N VAL A 250 -16.73 7.81 -16.42
CA VAL A 250 -16.57 7.97 -17.85
C VAL A 250 -17.57 7.13 -18.64
N ASP A 251 -18.69 6.73 -18.03
CA ASP A 251 -19.75 6.01 -18.73
C ASP A 251 -19.20 4.75 -19.42
N PHE A 252 -18.39 3.99 -18.71
CA PHE A 252 -17.90 2.74 -19.27
C PHE A 252 -18.84 1.61 -18.92
N PRO A 253 -19.15 0.74 -19.89
CA PRO A 253 -18.63 0.74 -21.27
C PRO A 253 -19.51 1.37 -22.36
N GLU A 254 -20.62 2.03 -21.96
CA GLU A 254 -21.62 2.50 -22.93
C GLU A 254 -21.01 3.46 -23.96
N ALA A 255 -20.46 4.57 -23.50
CA ALA A 255 -19.91 5.61 -24.37
C ALA A 255 -18.65 5.18 -25.08
N TRP A 256 -18.23 3.92 -24.97
CA TRP A 256 -16.96 3.46 -25.50
C TRP A 256 -17.11 2.35 -26.53
N SER A 257 -18.04 1.42 -26.33
CA SER A 257 -18.04 0.17 -27.07
C SER A 257 -19.41 -0.51 -26.95
N GLY A 258 -19.66 -1.40 -27.91
CA GLY A 258 -20.85 -2.22 -27.89
C GLY A 258 -20.70 -3.57 -27.23
N ALA A 259 -19.63 -3.76 -26.47
CA ALA A 259 -19.33 -5.06 -25.85
C ALA A 259 -19.51 -4.99 -24.35
N ARG A 260 -19.38 -6.15 -23.73
CA ARG A 260 -19.37 -6.28 -22.29
C ARG A 260 -18.16 -7.11 -21.90
N TYR A 261 -17.77 -6.98 -20.62
CA TYR A 261 -16.49 -7.49 -20.13
C TYR A 261 -16.70 -8.24 -18.83
N GLY A 262 -15.96 -9.34 -18.66
CA GLY A 262 -15.89 -10.04 -17.39
C GLY A 262 -14.44 -10.25 -16.95
N SER A 263 -14.30 -10.91 -15.80
CA SER A 263 -12.97 -11.16 -15.27
C SER A 263 -12.97 -12.45 -14.45
N LEU A 264 -11.76 -12.96 -14.18
CA LEU A 264 -11.52 -14.12 -13.33
C LEU A 264 -10.47 -13.80 -12.26
N PRO A 265 -10.66 -14.29 -11.05
CA PRO A 265 -9.61 -14.17 -10.05
C PRO A 265 -8.56 -15.26 -10.19
N LEU A 266 -7.33 -14.95 -9.78
CA LEU A 266 -6.18 -15.85 -9.84
C LEU A 266 -5.42 -15.86 -8.53
N PHE A 267 -4.80 -17.01 -8.21
CA PHE A 267 -4.10 -17.16 -6.93
C PHE A 267 -2.88 -18.07 -7.10
N LYS A 268 -1.74 -17.63 -6.57
CA LYS A 268 -0.48 -18.38 -6.60
C LYS A 268 0.13 -18.42 -5.20
N GLY A 269 0.70 -19.57 -4.85
CA GLY A 269 1.40 -19.76 -3.59
C GLY A 269 2.72 -20.46 -3.78
N PHE A 270 3.82 -19.87 -3.28
CA PHE A 270 5.18 -20.39 -3.44
C PHE A 270 5.74 -20.87 -2.11
N LEU A 271 6.47 -21.99 -2.11
CA LEU A 271 7.03 -22.53 -0.88
C LEU A 271 8.47 -22.99 -1.11
N THR A 272 9.36 -22.65 -0.18
CA THR A 272 10.74 -23.13 -0.17
C THR A 272 11.00 -23.93 1.10
N TYR A 273 12.08 -24.72 1.06
CA TYR A 273 12.35 -25.68 2.11
C TYR A 273 13.84 -25.76 2.40
N GLY A 274 14.18 -26.38 3.53
CA GLY A 274 15.57 -26.61 3.84
C GLY A 274 16.23 -27.60 2.91
N GLU A 275 15.45 -28.54 2.35
CA GLU A 275 16.00 -29.56 1.47
C GLU A 275 15.03 -29.85 0.32
N PRO A 276 15.54 -29.98 -0.93
CA PRO A 276 14.66 -30.33 -2.06
C PRO A 276 14.10 -31.74 -1.98
N TRP A 277 13.14 -31.94 -1.06
CA TRP A 277 12.64 -33.28 -0.78
C TRP A 277 11.90 -33.93 -1.95
N TRP A 278 11.49 -33.17 -2.97
CA TRP A 278 10.72 -33.77 -4.06
C TRP A 278 11.61 -34.44 -5.11
N LEU A 279 12.93 -34.29 -5.01
CA LEU A 279 13.81 -34.99 -5.93
C LEU A 279 13.71 -36.51 -5.78
N ASP A 280 13.47 -36.98 -4.55
CA ASP A 280 13.26 -38.42 -4.31
C ASP A 280 12.17 -39.01 -5.16
N TYR A 281 11.24 -38.19 -5.65
CA TYR A 281 10.10 -38.63 -6.44
C TYR A 281 10.23 -38.29 -7.92
N LYS A 282 11.37 -37.72 -8.34
CA LYS A 282 11.62 -37.33 -9.73
C LYS A 282 10.61 -36.29 -10.22
N LEU A 283 10.27 -35.34 -9.34
CA LEU A 283 9.25 -34.36 -9.63
C LEU A 283 9.81 -33.01 -10.10
N ASP A 284 11.14 -32.84 -10.12
CA ASP A 284 11.74 -31.58 -10.52
C ASP A 284 11.43 -31.24 -11.98
N ASP A 285 11.03 -29.98 -12.22
CA ASP A 285 10.61 -29.49 -13.53
C ASP A 285 9.38 -30.22 -14.05
N GLN A 286 8.47 -30.59 -13.15
CA GLN A 286 7.24 -31.28 -13.53
C GLN A 286 6.06 -30.59 -12.87
N VAL A 287 4.91 -30.75 -13.52
CA VAL A 287 3.63 -30.24 -13.03
C VAL A 287 2.65 -31.41 -12.91
N LEU A 288 1.97 -31.49 -11.77
CA LEU A 288 0.87 -32.42 -11.54
C LEU A 288 -0.44 -31.65 -11.53
N ILE A 289 -1.45 -32.19 -12.23
CA ILE A 289 -2.80 -31.64 -12.20
C ILE A 289 -3.68 -32.60 -11.42
N VAL A 290 -4.30 -32.11 -10.34
CA VAL A 290 -5.01 -32.97 -9.40
C VAL A 290 -6.43 -32.47 -9.18
N ASP A 291 -7.26 -33.35 -8.61
CA ASP A 291 -8.63 -33.00 -8.25
C ASP A 291 -8.69 -32.10 -7.01
N ASN A 292 -7.77 -32.32 -6.04
CA ASN A 292 -7.83 -31.59 -4.77
C ASN A 292 -7.58 -30.08 -4.99
N PRO A 293 -7.87 -29.24 -3.99
CA PRO A 293 -7.85 -27.78 -4.20
C PRO A 293 -6.51 -27.18 -4.64
N LEU A 294 -5.37 -27.87 -4.50
CA LEU A 294 -4.16 -27.34 -5.11
C LEU A 294 -4.27 -27.22 -6.63
N ARG A 295 -5.04 -28.13 -7.26
CA ARG A 295 -5.36 -28.16 -8.70
C ARG A 295 -4.13 -28.30 -9.61
N LYS A 296 -3.14 -27.41 -9.53
CA LYS A 296 -1.94 -27.50 -10.38
C LYS A 296 -0.71 -27.26 -9.53
N ILE A 297 0.18 -28.27 -9.45
CA ILE A 297 1.34 -28.26 -8.56
C ILE A 297 2.61 -28.36 -9.38
N TYR A 298 3.57 -27.44 -9.14
CA TYR A 298 4.75 -27.28 -9.99
C TYR A 298 6.02 -27.37 -9.14
N PHE A 299 7.03 -28.06 -9.65
CA PHE A 299 8.29 -28.23 -8.93
C PHE A 299 9.40 -27.64 -9.80
N LYS A 300 9.98 -26.53 -9.35
CA LYS A 300 10.97 -25.80 -10.14
C LYS A 300 12.37 -26.28 -9.76
N GLY A 301 12.95 -27.14 -10.61
CA GLY A 301 14.27 -27.69 -10.37
C GLY A 301 14.39 -28.20 -8.95
N ASP A 302 15.36 -27.68 -8.22
CA ASP A 302 15.56 -28.00 -6.82
C ASP A 302 15.41 -26.77 -5.95
N LYS A 303 14.65 -25.77 -6.41
CA LYS A 303 14.61 -24.46 -5.78
C LYS A 303 13.35 -24.23 -4.96
N TYR A 304 12.18 -24.54 -5.50
CA TYR A 304 10.92 -24.24 -4.83
C TYR A 304 9.81 -25.02 -5.56
N LEU A 305 8.65 -25.07 -4.92
CA LEU A 305 7.41 -25.53 -5.54
C LEU A 305 6.35 -24.44 -5.42
N PHE A 306 5.33 -24.52 -6.25
CA PHE A 306 4.22 -23.58 -6.12
C PHE A 306 2.96 -24.22 -6.69
N PHE A 307 1.84 -23.52 -6.54
CA PHE A 307 0.57 -23.99 -7.08
C PHE A 307 -0.24 -22.80 -7.56
N TYR A 308 -1.14 -23.06 -8.51
CA TYR A 308 -1.79 -22.03 -9.32
C TYR A 308 -3.24 -22.41 -9.52
N THR A 309 -4.17 -21.55 -9.08
CA THR A 309 -5.60 -21.81 -9.23
C THR A 309 -6.30 -20.56 -9.74
N ASP A 310 -7.55 -20.75 -10.21
CA ASP A 310 -8.37 -19.68 -10.75
C ASP A 310 -9.83 -19.88 -10.37
N SER A 311 -10.62 -18.82 -10.56
CA SER A 311 -12.09 -18.83 -10.39
C SER A 311 -12.41 -19.25 -8.95
N GLU A 312 -13.35 -20.18 -8.72
CA GLU A 312 -13.78 -20.47 -7.36
C GLU A 312 -12.65 -21.01 -6.50
N MET A 313 -11.69 -21.73 -7.10
CA MET A 313 -10.59 -22.26 -6.30
C MET A 313 -9.62 -21.17 -5.87
N ALA A 314 -9.45 -20.14 -6.70
CA ALA A 314 -8.66 -18.98 -6.27
C ALA A 314 -9.32 -18.27 -5.09
N ASN A 315 -10.65 -18.09 -5.15
CA ASN A 315 -11.36 -17.52 -4.01
C ASN A 315 -11.35 -18.45 -2.81
N TYR A 316 -11.29 -19.76 -3.04
CA TYR A 316 -11.18 -20.68 -1.91
C TYR A 316 -9.89 -20.43 -1.12
N TRP A 317 -8.76 -20.36 -1.83
CA TRP A 317 -7.47 -20.15 -1.15
C TRP A 317 -7.41 -18.78 -0.47
N ARG A 318 -8.00 -17.76 -1.09
CA ARG A 318 -7.93 -16.43 -0.50
C ARG A 318 -8.72 -16.38 0.80
N GLY A 319 -9.89 -17.03 0.83
CA GLY A 319 -10.63 -17.14 2.07
C GLY A 319 -9.88 -17.92 3.12
N CYS A 320 -9.20 -19.00 2.70
CA CYS A 320 -8.38 -19.75 3.63
C CYS A 320 -7.31 -18.87 4.27
N VAL A 321 -6.65 -18.04 3.47
CA VAL A 321 -5.59 -17.15 3.95
C VAL A 321 -6.16 -16.14 4.94
N ALA A 322 -7.38 -15.66 4.71
CA ALA A 322 -7.96 -14.70 5.64
C ALA A 322 -8.20 -15.30 7.03
N GLU A 323 -8.43 -16.61 7.12
CA GLU A 323 -8.65 -17.24 8.40
C GLU A 323 -7.36 -17.48 9.18
N GLY A 324 -6.19 -17.27 8.57
CA GLY A 324 -4.93 -17.47 9.27
C GLY A 324 -3.88 -18.21 8.45
N GLU A 325 -2.62 -17.78 8.57
CA GLU A 325 -1.52 -18.38 7.83
CA GLU A 325 -1.55 -18.39 7.80
C GLU A 325 -1.29 -19.83 8.25
N ASP A 326 -1.53 -20.14 9.52
CA ASP A 326 -1.27 -21.49 10.03
CA ASP A 326 -1.27 -21.50 10.01
C ASP A 326 -2.23 -22.51 9.43
N GLY A 327 -3.53 -22.17 9.37
CA GLY A 327 -4.49 -23.09 8.78
C GLY A 327 -4.27 -23.26 7.30
N TYR A 328 -3.85 -22.18 6.63
CA TYR A 328 -3.48 -22.20 5.22
C TYR A 328 -2.37 -23.21 4.95
N LEU A 329 -1.27 -23.15 5.71
CA LEU A 329 -0.12 -24.02 5.42
C LEU A 329 -0.43 -25.49 5.72
N GLU A 330 -1.16 -25.74 6.81
CA GLU A 330 -1.55 -27.11 7.13
C GLU A 330 -2.52 -27.67 6.10
N GLN A 331 -3.38 -26.81 5.56
CA GLN A 331 -4.24 -27.22 4.46
C GLN A 331 -3.40 -27.60 3.23
N ILE A 332 -2.31 -26.87 2.98
CA ILE A 332 -1.48 -27.17 1.82
C ILE A 332 -0.78 -28.53 2.01
N ARG A 333 -0.26 -28.79 3.23
CA ARG A 333 0.41 -30.06 3.50
C ARG A 333 -0.52 -31.24 3.33
N THR A 334 -1.75 -31.14 3.84
CA THR A 334 -2.73 -32.19 3.65
C THR A 334 -2.89 -32.53 2.17
N HIS A 335 -3.05 -31.51 1.32
CA HIS A 335 -3.32 -31.71 -0.10
C HIS A 335 -2.07 -32.14 -0.87
N LEU A 336 -0.88 -31.71 -0.45
CA LEU A 336 0.33 -32.26 -1.05
C LEU A 336 0.45 -33.76 -0.77
N ALA A 337 0.07 -34.19 0.43
CA ALA A 337 0.17 -35.60 0.79
C ALA A 337 -0.76 -36.47 -0.05
N SER A 338 -2.02 -36.09 -0.20
CA SER A 338 -2.91 -36.91 -1.01
C SER A 338 -2.54 -36.87 -2.49
N ALA A 339 -1.91 -35.79 -2.96
CA ALA A 339 -1.45 -35.74 -4.34
C ALA A 339 -0.32 -36.73 -4.60
N LEU A 340 0.57 -36.94 -3.61
CA LEU A 340 1.69 -37.86 -3.77
C LEU A 340 1.39 -39.27 -3.25
N GLY A 341 0.30 -39.49 -2.54
CA GLY A 341 -0.04 -40.83 -2.12
C GLY A 341 0.63 -41.26 -0.83
N ILE A 342 0.96 -40.31 0.04
CA ILE A 342 1.73 -40.56 1.25
C ILE A 342 1.05 -39.86 2.45
N VAL A 343 1.55 -40.15 3.67
CA VAL A 343 0.94 -39.59 4.87
C VAL A 343 1.40 -38.15 5.08
N ARG A 344 0.56 -37.36 5.78
CA ARG A 344 0.89 -35.98 6.12
C ARG A 344 2.28 -35.81 6.70
N GLU A 345 2.72 -36.77 7.55
CA GLU A 345 3.90 -36.54 8.37
C GLU A 345 5.19 -36.63 7.59
N ARG A 346 5.16 -37.12 6.36
CA ARG A 346 6.36 -37.16 5.51
C ARG A 346 6.55 -35.89 4.67
N ILE A 347 5.60 -34.96 4.69
CA ILE A 347 5.75 -33.68 4.03
C ILE A 347 6.36 -32.69 4.99
N PRO A 348 7.51 -32.09 4.70
CA PRO A 348 8.14 -31.15 5.62
C PRO A 348 7.37 -29.84 5.75
N GLN A 349 7.77 -29.07 6.75
CA GLN A 349 7.39 -27.68 6.96
C GLN A 349 8.25 -26.76 6.10
N PRO A 350 7.69 -25.69 5.57
CA PRO A 350 8.48 -24.77 4.75
C PRO A 350 9.26 -23.76 5.58
N LEU A 351 10.46 -23.43 5.11
CA LEU A 351 11.19 -22.28 5.65
C LEU A 351 10.44 -20.99 5.40
N ALA A 352 10.06 -20.74 4.16
CA ALA A 352 9.43 -19.49 3.77
C ALA A 352 8.38 -19.76 2.70
N HIS A 353 7.47 -18.80 2.57
CA HIS A 353 6.43 -18.88 1.58
C HIS A 353 5.94 -17.46 1.30
N VAL A 354 5.31 -17.31 0.14
CA VAL A 354 4.70 -16.07 -0.27
C VAL A 354 3.54 -16.41 -1.20
N HIS A 355 2.49 -15.60 -1.16
CA HIS A 355 1.33 -15.84 -2.01
C HIS A 355 0.80 -14.53 -2.54
N LYS A 356 0.03 -14.60 -3.63
CA LYS A 356 -0.56 -13.42 -4.24
C LYS A 356 -1.94 -13.76 -4.77
N TYR A 357 -2.88 -12.85 -4.53
CA TYR A 357 -4.24 -12.99 -5.03
C TYR A 357 -4.57 -11.81 -5.94
N TRP A 358 -5.05 -12.10 -7.15
CA TRP A 358 -5.46 -11.08 -8.10
C TRP A 358 -6.98 -11.16 -8.26
N ALA A 359 -7.69 -10.14 -7.76
CA ALA A 359 -9.15 -10.13 -7.84
C ALA A 359 -9.66 -10.14 -9.28
N HIS A 360 -8.95 -9.45 -10.18
CA HIS A 360 -9.27 -9.40 -11.62
C HIS A 360 -8.03 -9.80 -12.42
N GLY A 361 -7.58 -11.04 -12.23
CA GLY A 361 -6.35 -11.49 -12.87
C GLY A 361 -6.45 -11.58 -14.38
N VAL A 362 -7.57 -12.07 -14.89
CA VAL A 362 -7.86 -12.14 -16.32
C VAL A 362 -9.10 -11.30 -16.61
N GLU A 363 -9.00 -10.38 -17.55
CA GLU A 363 -10.14 -9.61 -18.05
C GLU A 363 -10.33 -9.91 -19.54
N PHE A 364 -11.59 -10.13 -19.94
CA PHE A 364 -11.87 -10.53 -21.31
C PHE A 364 -13.18 -9.91 -21.81
N CYS A 365 -13.46 -10.14 -23.10
CA CYS A 365 -14.66 -9.66 -23.76
C CYS A 365 -15.65 -10.80 -23.93
N ARG A 366 -16.94 -10.49 -23.76
CA ARG A 366 -18.00 -11.47 -23.93
C ARG A 366 -18.46 -11.61 -25.39
N ASP A 367 -18.45 -10.52 -26.15
CA ASP A 367 -18.84 -10.57 -27.56
C ASP A 367 -17.63 -10.86 -28.45
N ASP A 371 -15.80 -8.73 -33.72
CA ASP A 371 -15.06 -7.66 -34.41
C ASP A 371 -14.77 -6.48 -33.48
N HIS A 372 -13.90 -6.72 -32.47
CA HIS A 372 -13.50 -5.77 -31.42
C HIS A 372 -12.30 -4.95 -31.88
N PRO A 373 -12.37 -3.62 -31.86
CA PRO A 373 -11.18 -2.83 -32.18
C PRO A 373 -10.17 -2.91 -31.05
N SER A 374 -8.90 -2.72 -31.39
CA SER A 374 -7.82 -2.97 -30.43
C SER A 374 -7.69 -1.89 -29.37
N ALA A 375 -8.18 -0.69 -29.64
CA ALA A 375 -8.25 0.38 -28.66
C ALA A 375 -9.62 1.06 -28.78
N LEU A 376 -10.01 1.80 -27.77
CA LEU A 376 -11.30 2.46 -27.79
C LEU A 376 -11.12 3.98 -27.75
N SER A 377 -12.22 4.69 -27.97
CA SER A 377 -12.26 6.14 -27.84
C SER A 377 -13.63 6.54 -27.31
N HIS A 378 -13.65 7.51 -26.41
CA HIS A 378 -14.92 7.98 -25.86
C HIS A 378 -15.70 8.67 -26.98
N ARG A 379 -16.98 8.30 -27.09
CA ARG A 379 -17.85 8.85 -28.12
C ARG A 379 -17.76 10.38 -28.18
N ASP A 380 -17.76 11.04 -27.00
CA ASP A 380 -17.78 12.49 -26.88
C ASP A 380 -16.40 13.12 -26.70
N SER A 381 -15.61 12.65 -25.72
CA SER A 381 -14.50 13.43 -25.20
C SER A 381 -13.14 13.18 -25.88
N GLY A 382 -12.97 12.10 -26.63
CA GLY A 382 -11.67 11.87 -27.22
C GLY A 382 -10.63 11.20 -26.33
N ILE A 383 -10.98 10.84 -25.09
CA ILE A 383 -10.11 10.00 -24.28
C ILE A 383 -10.00 8.61 -24.90
N ILE A 384 -8.78 8.06 -24.93
CA ILE A 384 -8.52 6.74 -25.50
C ILE A 384 -8.23 5.75 -24.38
N ALA A 385 -8.77 4.53 -24.53
CA ALA A 385 -8.60 3.45 -23.57
C ALA A 385 -7.74 2.35 -24.18
N CYS A 386 -6.88 1.75 -23.37
CA CYS A 386 -5.85 0.82 -23.83
C CYS A 386 -5.75 -0.35 -22.88
N SER A 387 -5.80 -1.57 -23.41
CA SER A 387 -5.88 -2.77 -22.59
C SER A 387 -5.82 -4.05 -23.41
N ASP A 388 -5.27 -5.12 -22.82
CA ASP A 388 -5.23 -6.40 -23.50
C ASP A 388 -6.63 -6.93 -23.75
N ALA A 389 -7.60 -6.52 -22.92
CA ALA A 389 -8.96 -7.06 -22.99
C ALA A 389 -9.68 -6.74 -24.31
N TYR A 390 -9.22 -5.76 -25.07
CA TYR A 390 -9.83 -5.34 -26.32
C TYR A 390 -9.25 -6.04 -27.54
N THR A 391 -8.56 -7.16 -27.36
CA THR A 391 -7.82 -7.75 -28.47
C THR A 391 -8.17 -9.22 -28.58
N GLU A 392 -7.66 -9.83 -29.66
CA GLU A 392 -7.77 -11.28 -29.80
C GLU A 392 -7.01 -12.01 -28.72
N HIS A 393 -6.02 -11.36 -28.09
CA HIS A 393 -5.14 -11.96 -27.10
C HIS A 393 -5.45 -11.48 -25.67
N CYS A 394 -6.73 -11.30 -25.36
CA CYS A 394 -7.13 -10.93 -24.01
C CYS A 394 -6.56 -11.92 -23.00
N GLY A 395 -5.95 -11.37 -21.94
CA GLY A 395 -5.34 -12.20 -20.91
C GLY A 395 -3.90 -12.55 -21.12
N TRP A 396 -3.24 -11.91 -22.09
CA TRP A 396 -1.84 -12.17 -22.40
C TRP A 396 -1.13 -10.83 -22.59
N MET A 397 0.15 -10.78 -22.25
CA MET A 397 0.89 -9.53 -22.43
C MET A 397 0.93 -9.12 -23.89
N GLU A 398 0.92 -10.10 -24.81
CA GLU A 398 0.88 -9.83 -26.24
C GLU A 398 -0.32 -8.95 -26.61
N GLY A 399 -1.46 -9.12 -25.95
CA GLY A 399 -2.58 -8.23 -26.18
C GLY A 399 -2.30 -6.80 -25.76
N GLY A 400 -1.52 -6.64 -24.68
CA GLY A 400 -1.18 -5.30 -24.22
C GLY A 400 -0.29 -4.57 -25.21
N LEU A 401 0.67 -5.29 -25.80
CA LEU A 401 1.51 -4.71 -26.85
C LEU A 401 0.70 -4.32 -28.08
N LEU A 402 -0.28 -5.14 -28.46
CA LEU A 402 -1.11 -4.81 -29.61
C LEU A 402 -2.00 -3.60 -29.31
N SER A 403 -2.66 -3.59 -28.14
CA SER A 403 -3.51 -2.47 -27.82
C SER A 403 -2.73 -1.16 -27.76
N ALA A 404 -1.47 -1.22 -27.30
CA ALA A 404 -0.68 0.01 -27.19
C ALA A 404 -0.40 0.62 -28.56
N ARG A 405 -0.09 -0.22 -29.56
CA ARG A 405 0.16 0.28 -30.91
C ARG A 405 -1.05 1.07 -31.43
N GLU A 406 -2.25 0.53 -31.27
CA GLU A 406 -3.44 1.21 -31.78
C GLU A 406 -3.71 2.50 -31.00
N ALA A 407 -3.57 2.48 -29.68
CA ALA A 407 -3.81 3.69 -28.90
C ALA A 407 -2.83 4.80 -29.27
N SER A 408 -1.57 4.46 -29.51
CA SER A 408 -0.61 5.49 -29.92
C SER A 408 -1.03 6.15 -31.23
N ARG A 409 -1.59 5.36 -32.16
CA ARG A 409 -2.02 5.85 -33.47
C ARG A 409 -3.19 6.82 -33.34
N LEU A 410 -4.26 6.36 -32.68
CA LEU A 410 -5.41 7.22 -32.43
C LEU A 410 -4.99 8.55 -31.81
N LEU A 411 -4.12 8.50 -30.80
CA LEU A 411 -3.68 9.73 -30.15
C LEU A 411 -2.86 10.61 -31.08
N LEU A 412 -2.02 10.02 -31.93
CA LEU A 412 -1.19 10.82 -32.82
C LEU A 412 -2.02 11.47 -33.92
N GLN A 413 -3.12 10.84 -34.34
CA GLN A 413 -4.01 11.48 -35.30
C GLN A 413 -4.78 12.64 -34.68
N ARG A 414 -5.06 12.58 -33.37
CA ARG A 414 -5.75 13.70 -32.76
C ARG A 414 -4.77 14.84 -32.45
N ILE A 415 -3.49 14.51 -32.23
CA ILE A 415 -2.48 15.54 -32.00
C ILE A 415 -2.15 16.27 -33.30
N ALA A 416 -1.97 15.52 -34.39
CA ALA A 416 -1.85 16.14 -35.70
C ALA A 416 -3.22 16.66 -36.14
N ALA A 417 -3.27 17.17 -37.37
CA ALA A 417 -4.50 17.74 -37.92
C ALA A 417 -4.95 18.94 -37.08
N LYS B 1 -16.77 -19.81 9.56
CA LYS B 1 -17.13 -18.67 10.40
C LYS B 1 -15.91 -17.78 10.68
N HIS B 2 -16.02 -16.50 10.31
CA HIS B 2 -15.08 -15.48 10.77
C HIS B 2 -15.73 -14.75 11.96
N SER B 3 -15.36 -15.14 13.19
CA SER B 3 -15.97 -14.56 14.38
C SER B 3 -15.00 -14.55 15.55
N SER B 4 -15.42 -13.90 16.65
CA SER B 4 -14.56 -13.73 17.82
C SER B 4 -15.39 -13.19 18.97
N ASP B 5 -14.95 -13.46 20.20
CA ASP B 5 -15.56 -12.82 21.36
C ASP B 5 -15.24 -11.34 21.41
N ILE B 6 -13.96 -11.00 21.26
CA ILE B 6 -13.48 -9.62 21.34
C ILE B 6 -12.75 -9.28 20.05
N CYS B 7 -13.03 -8.09 19.51
CA CYS B 7 -12.35 -7.58 18.32
C CYS B 7 -11.89 -6.16 18.55
N ILE B 8 -10.63 -5.89 18.22
CA ILE B 8 -10.04 -4.56 18.26
C ILE B 8 -9.65 -4.17 16.83
N VAL B 9 -10.10 -3.00 16.38
CA VAL B 9 -9.71 -2.47 15.08
C VAL B 9 -8.70 -1.35 15.34
N GLY B 10 -7.48 -1.52 14.82
CA GLY B 10 -6.38 -0.61 15.10
C GLY B 10 -5.25 -1.26 15.88
N ALA B 11 -4.07 -1.34 15.29
CA ALA B 11 -2.90 -1.94 15.91
C ALA B 11 -1.77 -0.91 16.06
N GLY B 12 -2.13 0.34 16.34
CA GLY B 12 -1.19 1.29 16.87
C GLY B 12 -0.89 0.94 18.31
N ILE B 13 -0.22 1.88 19.00
CA ILE B 13 0.11 1.63 20.40
C ILE B 13 -1.16 1.52 21.25
N SER B 14 -2.24 2.21 20.88
CA SER B 14 -3.47 2.15 21.67
C SER B 14 -4.15 0.80 21.57
N GLY B 15 -4.37 0.33 20.33
CA GLY B 15 -5.01 -0.97 20.13
C GLY B 15 -4.20 -2.11 20.73
N LEU B 16 -2.87 -2.06 20.60
CA LEU B 16 -2.06 -3.15 21.11
C LEU B 16 -2.06 -3.17 22.63
N THR B 17 -2.03 -1.99 23.26
CA THR B 17 -2.09 -1.91 24.73
C THR B 17 -3.45 -2.39 25.24
N CYS B 18 -4.55 -1.99 24.57
CA CYS B 18 -5.85 -2.56 24.88
C CYS B 18 -5.79 -4.08 24.89
N ALA B 19 -5.24 -4.66 23.81
CA ALA B 19 -5.18 -6.13 23.71
C ALA B 19 -4.44 -6.73 24.88
N SER B 20 -3.36 -6.08 25.31
CA SER B 20 -2.50 -6.60 26.37
C SER B 20 -3.15 -6.48 27.75
N HIS B 21 -3.88 -5.39 28.02
CA HIS B 21 -4.61 -5.29 29.28
C HIS B 21 -5.68 -6.37 29.38
N LEU B 22 -6.42 -6.59 28.28
CA LEU B 22 -7.50 -7.55 28.28
C LEU B 22 -6.99 -8.96 28.53
N LEU B 23 -5.94 -9.36 27.79
CA LEU B 23 -5.38 -10.68 27.98
C LEU B 23 -4.77 -10.86 29.37
N ASP B 24 -4.40 -9.77 30.04
CA ASP B 24 -3.95 -9.88 31.43
C ASP B 24 -5.10 -10.24 32.38
N SER B 25 -6.35 -9.93 32.02
CA SER B 25 -7.49 -10.09 32.94
C SER B 25 -7.92 -11.55 33.04
N PRO B 26 -8.15 -12.07 34.26
CA PRO B 26 -8.69 -13.44 34.36
C PRO B 26 -10.09 -13.56 33.76
N ALA B 27 -10.85 -12.46 33.72
CA ALA B 27 -12.17 -12.46 33.09
C ALA B 27 -12.15 -12.72 31.58
N CYS B 28 -10.98 -12.72 30.94
CA CYS B 28 -10.91 -12.99 29.51
C CYS B 28 -10.36 -14.38 29.20
N ARG B 29 -10.25 -15.24 30.20
CA ARG B 29 -9.74 -16.57 29.96
C ARG B 29 -10.70 -17.34 29.05
N GLY B 30 -10.16 -17.98 28.02
CA GLY B 30 -10.99 -18.73 27.10
C GLY B 30 -11.84 -17.90 26.15
N LEU B 31 -11.65 -16.59 26.09
CA LEU B 31 -12.26 -15.79 25.04
C LEU B 31 -11.25 -15.58 23.92
N SER B 32 -11.74 -15.54 22.69
CA SER B 32 -10.87 -15.32 21.54
C SER B 32 -10.79 -13.84 21.19
N LEU B 33 -9.61 -13.40 20.76
CA LEU B 33 -9.38 -12.00 20.44
C LEU B 33 -8.81 -11.88 19.03
N ARG B 34 -9.40 -10.98 18.24
CA ARG B 34 -9.00 -10.72 16.86
C ARG B 34 -8.67 -9.23 16.69
N ILE B 35 -7.55 -8.93 16.01
CA ILE B 35 -7.08 -7.55 15.81
C ILE B 35 -6.95 -7.29 14.31
N PHE B 36 -7.63 -6.24 13.82
CA PHE B 36 -7.53 -5.76 12.44
C PHE B 36 -6.76 -4.44 12.37
N ASP B 37 -5.95 -4.30 11.33
CA ASP B 37 -5.37 -3.03 10.94
C ASP B 37 -5.30 -2.96 9.41
N MET B 38 -5.58 -1.79 8.84
CA MET B 38 -5.53 -1.62 7.39
C MET B 38 -4.09 -1.58 6.87
N GLN B 39 -3.09 -1.39 7.71
CA GLN B 39 -1.72 -1.44 7.27
C GLN B 39 -1.20 -2.88 7.30
N GLN B 40 -0.08 -3.09 6.61
CA GLN B 40 0.55 -4.41 6.60
C GLN B 40 1.49 -4.64 7.79
N GLU B 41 1.82 -3.59 8.55
CA GLU B 41 2.59 -3.70 9.79
C GLU B 41 1.87 -2.94 10.89
N ALA B 42 2.05 -3.40 12.13
CA ALA B 42 1.52 -2.68 13.29
C ALA B 42 2.38 -1.45 13.58
N GLY B 43 1.85 -0.56 14.44
CA GLY B 43 2.64 0.60 14.82
C GLY B 43 1.97 1.93 14.59
N GLY B 44 1.10 2.01 13.59
CA GLY B 44 0.39 3.25 13.29
C GLY B 44 1.33 4.39 12.97
N ARG B 45 1.27 5.46 13.77
CA ARG B 45 2.14 6.62 13.56
C ARG B 45 3.50 6.44 14.24
N ILE B 46 3.82 5.22 14.69
CA ILE B 46 5.18 4.84 15.06
C ILE B 46 5.76 4.04 13.89
N ARG B 47 6.77 4.60 13.22
CA ARG B 47 7.34 4.00 12.00
C ARG B 47 8.84 4.22 11.96
N SER B 48 9.62 3.16 12.22
CA SER B 48 11.07 3.21 12.25
C SER B 48 11.60 2.57 10.96
N LYS B 49 12.69 3.13 10.42
CA LYS B 49 13.35 2.60 9.22
C LYS B 49 14.87 2.70 9.36
N MET B 50 15.58 2.01 8.47
CA MET B 50 17.02 2.18 8.31
C MET B 50 17.28 3.07 7.11
N LEU B 51 18.05 4.13 7.31
CA LEU B 51 18.41 5.05 6.24
C LEU B 51 19.74 4.58 5.64
N ASP B 52 19.70 4.19 4.37
CA ASP B 52 20.85 3.58 3.68
C ASP B 52 21.43 2.40 4.47
N GLY B 53 20.58 1.72 5.24
CA GLY B 53 20.99 0.60 6.08
C GLY B 53 22.06 0.89 7.11
N LYS B 54 22.26 2.16 7.47
CA LYS B 54 23.34 2.53 8.38
C LYS B 54 22.86 2.90 9.78
N ALA B 55 21.90 3.82 9.88
CA ALA B 55 21.38 4.28 11.16
C ALA B 55 19.87 4.25 11.14
N SER B 56 19.28 4.17 12.34
CA SER B 56 17.83 4.09 12.49
C SER B 56 17.23 5.50 12.63
N ILE B 57 16.13 5.73 11.90
CA ILE B 57 15.44 7.02 11.86
C ILE B 57 13.95 6.82 12.14
N GLU B 58 13.32 7.85 12.71
CA GLU B 58 11.90 7.80 13.08
C GLU B 58 11.08 8.63 12.09
N LEU B 59 10.25 7.96 11.30
CA LEU B 59 9.38 8.67 10.37
C LEU B 59 8.13 9.22 11.04
N GLY B 60 7.72 8.65 12.18
CA GLY B 60 6.64 9.19 12.97
C GLY B 60 7.14 9.67 14.31
N ALA B 61 6.54 9.17 15.40
CA ALA B 61 6.97 9.54 16.75
C ALA B 61 8.46 9.32 16.97
N GLY B 62 9.08 10.26 17.68
CA GLY B 62 10.52 10.25 17.81
C GLY B 62 11.14 10.37 19.19
N ARG B 63 10.47 11.00 20.16
CA ARG B 63 11.10 11.31 21.45
C ARG B 63 10.07 11.26 22.58
N TYR B 64 10.54 11.06 23.83
CA TYR B 64 9.66 11.11 25.00
C TYR B 64 10.39 11.68 26.21
N SER B 65 9.63 12.05 27.24
CA SER B 65 10.17 12.66 28.45
C SER B 65 9.72 11.90 29.70
N PRO B 66 10.63 11.56 30.62
CA PRO B 66 10.18 10.95 31.88
C PRO B 66 9.28 11.85 32.70
N GLN B 67 9.41 13.17 32.57
CA GLN B 67 8.59 14.11 33.33
C GLN B 67 7.14 14.11 32.84
N LEU B 68 6.96 14.06 31.53
CA LEU B 68 5.64 14.13 30.90
C LEU B 68 5.01 12.78 30.59
N HIS B 69 5.82 11.72 30.40
CA HIS B 69 5.32 10.45 29.87
C HIS B 69 5.81 9.27 30.72
N PRO B 70 5.49 9.25 32.01
CA PRO B 70 5.99 8.15 32.84
C PRO B 70 5.45 6.79 32.45
N HIS B 71 4.22 6.69 31.95
CA HIS B 71 3.73 5.38 31.54
C HIS B 71 4.45 4.90 30.29
N PHE B 72 4.80 5.80 29.37
CA PHE B 72 5.57 5.36 28.23
C PHE B 72 6.96 4.88 28.64
N GLN B 73 7.64 5.63 29.53
CA GLN B 73 8.93 5.18 30.03
C GLN B 73 8.84 3.80 30.68
N SER B 74 7.78 3.58 31.45
CA SER B 74 7.59 2.28 32.09
C SER B 74 7.41 1.18 31.05
N ALA B 75 6.65 1.46 29.98
CA ALA B 75 6.51 0.47 28.92
C ALA B 75 7.87 0.11 28.32
N MET B 76 8.70 1.13 28.03
CA MET B 76 10.04 0.86 27.50
C MET B 76 10.84 -0.05 28.44
N GLN B 77 10.75 0.17 29.75
CA GLN B 77 11.52 -0.63 30.68
C GLN B 77 10.95 -2.04 30.78
N HIS B 78 9.62 -2.16 30.80
CA HIS B 78 8.98 -3.48 30.91
CA HIS B 78 9.06 -3.49 30.96
C HIS B 78 9.34 -4.40 29.75
N TYR B 79 9.58 -3.83 28.56
CA TYR B 79 9.89 -4.62 27.37
C TYR B 79 11.37 -4.52 27.00
N SER B 80 12.19 -4.07 27.94
CA SER B 80 13.65 -4.11 27.84
C SER B 80 14.18 -3.36 26.61
N GLN B 81 13.58 -2.23 26.29
CA GLN B 81 14.06 -1.37 25.23
C GLN B 81 15.00 -0.30 25.77
N LYS B 82 16.16 -0.14 25.13
CA LYS B 82 17.17 0.81 25.58
C LYS B 82 16.91 2.20 25.01
N SER B 83 17.00 3.21 25.88
CA SER B 83 16.87 4.61 25.50
C SER B 83 18.25 5.26 25.36
N GLU B 84 18.30 6.35 24.61
CA GLU B 84 19.47 7.21 24.52
C GLU B 84 19.03 8.66 24.66
N VAL B 85 19.99 9.51 25.04
CA VAL B 85 19.67 10.92 25.27
C VAL B 85 19.22 11.55 23.95
N TYR B 86 18.19 12.37 24.03
CA TYR B 86 17.74 13.14 22.88
C TYR B 86 18.36 14.54 23.01
N PRO B 87 19.27 14.94 22.11
CA PRO B 87 20.10 16.14 22.37
C PRO B 87 19.44 17.47 22.04
N PHE B 88 18.31 17.51 21.34
CA PHE B 88 17.84 18.74 20.72
C PHE B 88 16.93 19.53 21.67
N THR B 89 17.49 19.96 22.79
CA THR B 89 16.71 20.64 23.84
C THR B 89 17.12 22.09 24.07
N GLN B 90 18.11 22.60 23.34
CA GLN B 90 18.49 24.00 23.40
C GLN B 90 18.84 24.50 22.00
N LEU B 91 18.78 25.81 21.82
CA LEU B 91 19.28 26.46 20.61
C LEU B 91 20.61 27.14 20.90
N LYS B 92 21.64 26.75 20.12
CA LYS B 92 22.94 27.41 20.21
C LYS B 92 22.88 28.82 19.65
N PHE B 93 21.94 29.09 18.74
CA PHE B 93 21.87 30.35 18.01
C PHE B 93 20.62 31.15 18.38
N LYS B 94 20.30 31.16 19.69
CA LYS B 94 19.18 31.93 20.24
C LYS B 94 19.25 33.37 19.81
N SER B 95 18.13 33.88 19.30
CA SER B 95 18.06 35.30 18.96
C SER B 95 17.42 36.08 20.11
N HIS B 96 17.57 37.40 20.02
CA HIS B 96 16.82 38.28 20.92
C HIS B 96 15.32 38.14 20.67
N VAL B 97 14.93 37.93 19.41
CA VAL B 97 13.54 37.62 19.10
C VAL B 97 13.07 36.45 19.93
N GLN B 98 13.83 35.36 19.93
CA GLN B 98 13.51 34.24 20.81
C GLN B 98 13.52 34.69 22.27
N GLN B 99 14.55 35.47 22.64
CA GLN B 99 14.70 35.95 24.02
C GLN B 99 13.53 36.82 24.44
N LYS B 100 13.06 37.69 23.54
CA LYS B 100 11.92 38.56 23.85
C LYS B 100 10.70 37.76 24.25
N LEU B 101 10.39 36.71 23.49
CA LEU B 101 9.13 36.01 23.70
C LEU B 101 9.15 35.28 25.04
N LYS B 102 10.31 34.74 25.44
CA LYS B 102 10.44 34.20 26.79
C LYS B 102 9.90 35.21 27.78
N ARG B 103 10.47 36.42 27.76
CA ARG B 103 10.00 37.50 28.60
C ARG B 103 8.57 37.90 28.25
N ALA B 104 8.25 37.96 26.95
CA ALA B 104 6.87 38.28 26.57
C ALA B 104 5.87 37.28 27.15
N MET B 105 6.12 35.99 26.99
CA MET B 105 5.17 35.01 27.50
C MET B 105 5.07 35.06 29.02
N ASN B 106 6.17 35.37 29.71
CA ASN B 106 6.10 35.48 31.16
C ASN B 106 5.23 36.67 31.57
N GLU B 107 5.42 37.83 30.94
CA GLU B 107 4.65 39.02 31.34
C GLU B 107 3.19 38.93 30.89
N LEU B 108 2.92 38.52 29.65
CA LEU B 108 1.53 38.31 29.24
C LEU B 108 0.81 37.22 30.03
N SER B 109 1.54 36.40 30.78
CA SER B 109 0.99 35.19 31.39
C SER B 109 -0.28 35.40 32.21
N PRO B 110 -0.37 36.38 33.12
CA PRO B 110 -1.59 36.47 33.97
C PRO B 110 -2.86 36.79 33.19
N ARG B 111 -2.76 37.37 31.98
CA ARG B 111 -3.97 37.72 31.23
C ARG B 111 -4.70 36.53 30.68
N LEU B 112 -4.40 35.31 31.15
CA LEU B 112 -4.90 34.10 30.51
C LEU B 112 -6.25 33.64 31.04
N LYS B 113 -6.63 34.02 32.27
CA LYS B 113 -8.02 33.84 32.64
C LYS B 113 -8.90 34.84 31.89
N GLU B 114 -8.39 36.06 31.69
CA GLU B 114 -9.10 37.08 30.91
C GLU B 114 -9.32 36.63 29.48
N HIS B 115 -8.24 36.43 28.71
CA HIS B 115 -8.30 36.29 27.27
C HIS B 115 -7.85 34.90 26.78
N GLY B 116 -7.75 33.92 27.66
CA GLY B 116 -7.05 32.71 27.27
C GLY B 116 -7.76 31.87 26.23
N LYS B 117 -9.00 32.22 25.86
CA LYS B 117 -9.76 31.43 24.91
C LYS B 117 -9.67 31.96 23.47
N GLU B 118 -9.18 33.19 23.27
CA GLU B 118 -8.93 33.67 21.92
C GLU B 118 -7.65 33.04 21.36
N SER B 119 -7.37 33.30 20.09
CA SER B 119 -6.24 32.65 19.42
C SER B 119 -4.91 33.14 20.01
N PHE B 120 -3.89 32.31 19.89
CA PHE B 120 -2.57 32.70 20.37
C PHE B 120 -2.07 33.95 19.62
N LEU B 121 -2.36 34.05 18.32
CA LEU B 121 -1.95 35.23 17.57
C LEU B 121 -2.62 36.49 18.10
N GLN B 122 -3.95 36.47 18.23
CA GLN B 122 -4.67 37.61 18.79
C GLN B 122 -4.15 37.96 20.18
N PHE B 123 -3.89 36.93 21.00
CA PHE B 123 -3.37 37.15 22.34
C PHE B 123 -2.05 37.92 22.31
N VAL B 124 -1.03 37.37 21.63
CA VAL B 124 0.31 37.95 21.67
C VAL B 124 0.36 39.33 21.04
N SER B 125 -0.58 39.65 20.15
CA SER B 125 -0.49 40.92 19.45
C SER B 125 -1.00 42.08 20.30
N ARG B 126 -1.07 41.90 21.61
CA ARG B 126 -1.35 42.99 22.53
CA ARG B 126 -1.36 42.96 22.56
C ARG B 126 -0.09 43.57 23.16
N TYR B 127 0.91 42.74 23.45
CA TYR B 127 2.21 43.17 23.98
C TYR B 127 2.79 44.26 23.09
N GLN B 128 3.15 43.91 21.87
CA GLN B 128 3.37 44.91 20.85
C GLN B 128 2.35 44.65 19.74
N GLY B 129 2.59 45.17 18.56
CA GLY B 129 1.56 45.11 17.55
C GLY B 129 1.38 43.72 16.98
N HIS B 130 0.65 43.68 15.88
CA HIS B 130 0.48 42.43 15.14
C HIS B 130 1.76 42.01 14.44
N ASP B 131 2.43 42.94 13.75
CA ASP B 131 3.66 42.60 13.06
C ASP B 131 4.68 42.03 14.02
N SER B 132 4.74 42.57 15.23
CA SER B 132 5.73 42.11 16.20
C SER B 132 5.40 40.72 16.72
N ALA B 133 4.11 40.44 16.92
CA ALA B 133 3.72 39.13 17.42
C ALA B 133 3.96 38.03 16.39
N VAL B 134 3.88 38.36 15.10
CA VAL B 134 4.16 37.39 14.04
C VAL B 134 5.63 36.99 14.07
N GLY B 135 6.52 37.95 14.33
CA GLY B 135 7.92 37.63 14.39
C GLY B 135 8.26 36.80 15.60
N MET B 136 7.56 37.03 16.72
CA MET B 136 7.81 36.25 17.93
C MET B 136 7.29 34.83 17.78
N ILE B 137 6.10 34.67 17.20
CA ILE B 137 5.52 33.34 17.11
C ILE B 137 6.28 32.51 16.08
N ARG B 138 6.69 33.13 14.98
CA ARG B 138 7.41 32.39 13.94
C ARG B 138 8.73 31.82 14.47
N SER B 139 9.39 32.51 15.40
CA SER B 139 10.70 32.09 15.85
C SER B 139 10.69 30.79 16.64
N MET B 140 9.51 30.23 16.94
CA MET B 140 9.45 28.94 17.62
C MET B 140 9.37 27.74 16.69
N GLY B 141 9.12 27.95 15.38
CA GLY B 141 9.25 26.92 14.37
C GLY B 141 8.07 25.97 14.26
N TYR B 142 7.03 26.14 15.05
CA TYR B 142 5.81 25.33 14.91
C TYR B 142 4.71 26.23 14.35
N ASP B 143 4.40 26.04 13.07
CA ASP B 143 3.45 26.92 12.40
C ASP B 143 2.00 26.73 12.85
N ALA B 144 1.67 25.61 13.48
CA ALA B 144 0.34 25.45 14.07
C ALA B 144 0.02 26.54 15.09
N LEU B 145 1.03 27.19 15.66
CA LEU B 145 0.78 28.28 16.60
C LEU B 145 0.10 29.47 15.95
N PHE B 146 0.09 29.55 14.61
CA PHE B 146 -0.59 30.64 13.90
C PHE B 146 -2.06 30.37 13.59
N LEU B 147 -2.55 29.19 13.86
CA LEU B 147 -3.92 28.91 13.56
C LEU B 147 -4.90 29.58 14.50
N PRO B 148 -6.05 29.98 13.99
CA PRO B 148 -7.17 30.57 14.75
C PRO B 148 -7.83 29.57 15.69
N ASP B 149 -7.76 28.33 15.25
CA ASP B 149 -8.18 27.08 15.81
C ASP B 149 -7.47 26.80 17.15
N ILE B 150 -6.23 27.26 17.30
CA ILE B 150 -5.41 27.09 18.50
C ILE B 150 -5.46 28.29 19.42
N SER B 151 -5.95 28.10 20.63
CA SER B 151 -6.11 29.18 21.58
C SER B 151 -4.80 29.49 22.30
N ALA B 152 -4.79 30.63 22.99
CA ALA B 152 -3.61 31.03 23.75
C ALA B 152 -3.24 29.99 24.80
N GLU B 153 -4.24 29.53 25.58
CA GLU B 153 -3.95 28.53 26.59
C GLU B 153 -3.40 27.25 25.96
N MET B 154 -4.00 26.81 24.84
CA MET B 154 -3.48 25.63 24.14
C MET B 154 -2.03 25.83 23.72
N ALA B 155 -1.68 27.04 23.27
CA ALA B 155 -0.34 27.26 22.75
C ALA B 155 0.71 27.24 23.85
N TYR B 156 0.41 27.87 24.99
CA TYR B 156 1.30 27.78 26.15
C TYR B 156 1.53 26.32 26.53
N ASP B 157 0.53 25.47 26.36
CA ASP B 157 0.72 24.06 26.65
C ASP B 157 1.60 23.39 25.59
N ILE B 158 1.35 23.69 24.31
CA ILE B 158 2.20 23.17 23.25
C ILE B 158 3.65 23.59 23.44
N VAL B 159 3.88 24.88 23.67
CA VAL B 159 5.25 25.39 23.74
C VAL B 159 6.00 24.72 24.88
N GLY B 160 5.37 24.62 26.04
CA GLY B 160 6.01 24.05 27.20
C GLY B 160 6.24 22.56 27.15
N LYS B 161 5.64 21.85 26.19
CA LYS B 161 5.81 20.40 26.09
C LYS B 161 6.68 19.98 24.90
N HIS B 162 7.37 20.91 24.23
CA HIS B 162 8.21 20.44 23.16
C HIS B 162 9.68 20.74 23.44
N PRO B 163 10.57 19.80 23.17
CA PRO B 163 11.96 19.95 23.65
C PRO B 163 12.73 21.12 23.04
N GLU B 164 12.46 21.50 21.79
CA GLU B 164 13.26 22.56 21.20
C GLU B 164 12.91 23.92 21.79
N ILE B 165 11.70 24.10 22.29
CA ILE B 165 11.26 25.41 22.75
C ILE B 165 10.86 25.44 24.23
N GLN B 166 11.02 24.33 24.97
CA GLN B 166 10.45 24.24 26.33
C GLN B 166 11.03 25.26 27.30
N SER B 167 12.24 25.79 27.04
CA SER B 167 12.81 26.77 27.96
C SER B 167 12.20 28.16 27.82
N VAL B 168 11.46 28.42 26.76
CA VAL B 168 10.73 29.68 26.58
C VAL B 168 9.73 29.88 27.71
N THR B 169 9.26 28.78 28.30
CA THR B 169 8.45 28.79 29.52
C THR B 169 9.29 28.16 30.62
N ASP B 170 8.66 27.77 31.72
CA ASP B 170 9.46 27.35 32.86
C ASP B 170 9.49 25.83 32.98
N ASN B 171 9.57 25.14 31.83
CA ASN B 171 9.73 23.70 31.78
C ASN B 171 11.11 23.31 31.29
N ASP B 172 12.11 24.16 31.53
CA ASP B 172 13.48 23.95 31.07
C ASP B 172 14.22 22.85 31.80
N ALA B 173 13.58 22.13 32.72
CA ALA B 173 14.23 21.02 33.40
C ALA B 173 13.68 19.67 32.98
N ASN B 174 12.76 19.63 32.02
CA ASN B 174 12.29 18.33 31.51
C ASN B 174 13.39 17.67 30.67
N GLN B 175 13.51 16.35 30.79
CA GLN B 175 14.52 15.57 30.07
C GLN B 175 13.89 14.78 28.92
N TRP B 176 14.70 14.48 27.89
CA TRP B 176 14.18 13.89 26.66
C TRP B 176 15.03 12.71 26.19
N PHE B 177 14.37 11.68 25.66
CA PHE B 177 14.99 10.41 25.34
C PHE B 177 14.42 9.87 24.03
N ALA B 178 15.27 9.11 23.32
CA ALA B 178 14.92 8.41 22.11
C ALA B 178 15.23 6.93 22.27
N ALA B 179 14.64 6.11 21.40
CA ALA B 179 14.92 4.68 21.38
C ALA B 179 16.21 4.43 20.60
N GLU B 180 17.10 3.61 21.17
CA GLU B 180 18.34 3.23 20.48
C GLU B 180 18.03 2.60 19.13
N THR B 181 17.21 1.55 19.13
CA THR B 181 16.93 0.78 17.93
C THR B 181 15.67 1.24 17.20
N GLY B 182 14.99 2.27 17.69
CA GLY B 182 13.72 2.69 17.14
C GLY B 182 12.52 2.20 17.93
N PHE B 183 11.46 3.02 18.01
CA PHE B 183 10.26 2.64 18.75
C PHE B 183 9.54 1.45 18.16
N ALA B 184 9.82 1.07 16.91
CA ALA B 184 9.24 -0.16 16.38
C ALA B 184 9.62 -1.38 17.22
N GLY B 185 10.75 -1.29 17.93
CA GLY B 185 11.15 -2.39 18.80
C GLY B 185 10.21 -2.58 19.96
N LEU B 186 9.65 -1.49 20.48
CA LEU B 186 8.62 -1.59 21.50
C LEU B 186 7.32 -2.14 20.92
N ILE B 187 6.93 -1.66 19.74
CA ILE B 187 5.73 -2.18 19.08
C ILE B 187 5.87 -3.69 18.84
N GLN B 188 7.04 -4.13 18.38
CA GLN B 188 7.24 -5.55 18.14
CA GLN B 188 7.24 -5.55 18.14
C GLN B 188 7.08 -6.33 19.43
N GLY B 189 7.62 -5.80 20.54
CA GLY B 189 7.54 -6.48 21.82
C GLY B 189 6.12 -6.64 22.31
N ILE B 190 5.31 -5.58 22.20
CA ILE B 190 3.91 -5.71 22.62
C ILE B 190 3.20 -6.69 21.73
N LYS B 191 3.46 -6.63 20.41
CA LYS B 191 2.80 -7.52 19.47
C LYS B 191 3.13 -8.97 19.76
N ALA B 192 4.37 -9.27 20.06
CA ALA B 192 4.78 -10.60 20.37
C ALA B 192 4.13 -11.18 21.61
N LYS B 193 4.03 -10.40 22.65
CA LYS B 193 3.36 -10.84 23.85
C LYS B 193 1.89 -11.06 23.62
N VAL B 194 1.27 -10.19 22.86
CA VAL B 194 -0.13 -10.33 22.55
C VAL B 194 -0.42 -11.56 21.73
N LYS B 195 0.44 -11.85 20.77
CA LYS B 195 0.30 -13.06 19.96
C LYS B 195 0.53 -14.31 20.81
N ALA B 196 1.55 -14.30 21.69
CA ALA B 196 1.85 -15.48 22.47
C ALA B 196 0.72 -15.84 23.43
N ALA B 197 -0.11 -14.87 23.80
CA ALA B 197 -1.29 -15.11 24.62
C ALA B 197 -2.53 -15.50 23.80
N GLY B 198 -2.40 -15.63 22.48
CA GLY B 198 -3.45 -16.21 21.68
C GLY B 198 -4.26 -15.24 20.82
N ALA B 199 -4.01 -13.94 20.90
CA ALA B 199 -4.69 -13.04 19.98
C ALA B 199 -4.26 -13.36 18.55
N ARG B 200 -5.21 -13.23 17.61
CA ARG B 200 -4.93 -13.45 16.20
C ARG B 200 -4.98 -12.12 15.43
N PHE B 201 -3.94 -11.88 14.62
CA PHE B 201 -3.81 -10.68 13.82
C PHE B 201 -4.28 -10.89 12.38
N SER B 202 -4.92 -9.87 11.81
CA SER B 202 -5.33 -9.80 10.41
C SER B 202 -4.91 -8.42 9.89
N LEU B 203 -3.68 -8.30 9.42
CA LEU B 203 -3.19 -7.03 8.91
C LEU B 203 -3.45 -6.92 7.41
N GLY B 204 -3.59 -5.69 6.94
CA GLY B 204 -3.98 -5.41 5.57
C GLY B 204 -5.47 -5.41 5.29
N TYR B 205 -6.32 -5.16 6.28
CA TYR B 205 -7.78 -5.13 6.12
C TYR B 205 -8.32 -3.81 6.66
N ARG B 206 -9.19 -3.17 5.90
CA ARG B 206 -9.79 -1.89 6.28
C ARG B 206 -11.27 -2.08 6.64
N LEU B 207 -11.66 -1.63 7.83
CA LEU B 207 -13.07 -1.65 8.21
C LEU B 207 -13.85 -0.59 7.43
N LEU B 208 -15.01 -0.97 6.91
CA LEU B 208 -15.80 -0.05 6.12
C LEU B 208 -17.08 0.39 6.81
N SER B 209 -17.67 -0.48 7.60
CA SER B 209 -18.95 -0.18 8.24
C SER B 209 -19.18 -1.19 9.34
N VAL B 210 -20.02 -0.80 10.30
CA VAL B 210 -20.39 -1.64 11.42
C VAL B 210 -21.90 -1.60 11.58
N ARG B 211 -22.48 -2.74 11.89
CA ARG B 211 -23.92 -2.82 12.15
C ARG B 211 -24.13 -3.66 13.40
N THR B 212 -25.02 -3.19 14.27
CA THR B 212 -25.41 -3.96 15.43
C THR B 212 -26.21 -5.19 14.99
N ASP B 213 -25.96 -6.30 15.66
CA ASP B 213 -26.48 -7.59 15.24
C ASP B 213 -26.92 -8.37 16.48
N GLY B 214 -28.03 -7.91 17.07
CA GLY B 214 -28.51 -8.50 18.30
C GLY B 214 -27.65 -8.10 19.48
N ASP B 215 -27.01 -9.07 20.13
CA ASP B 215 -26.09 -8.81 21.23
C ASP B 215 -24.65 -8.60 20.77
N GLY B 216 -24.36 -8.76 19.47
CA GLY B 216 -23.02 -8.60 18.93
C GLY B 216 -22.92 -7.56 17.82
N TYR B 217 -22.00 -7.75 16.89
CA TYR B 217 -21.77 -6.80 15.81
C TYR B 217 -21.29 -7.54 14.57
N LEU B 218 -21.61 -6.98 13.41
CA LEU B 218 -21.10 -7.47 12.14
C LEU B 218 -20.29 -6.37 11.46
N LEU B 219 -19.07 -6.72 11.07
CA LEU B 219 -18.12 -5.78 10.49
C LEU B 219 -17.91 -6.16 9.03
N GLN B 220 -17.87 -5.15 8.16
CA GLN B 220 -17.53 -5.32 6.75
C GLN B 220 -16.13 -4.77 6.54
N LEU B 221 -15.22 -5.61 6.07
CA LEU B 221 -13.85 -5.19 5.83
C LEU B 221 -13.47 -5.46 4.38
N ALA B 222 -12.37 -4.83 3.95
CA ALA B 222 -11.86 -4.92 2.60
C ALA B 222 -10.35 -5.07 2.65
N GLY B 223 -9.83 -6.18 2.11
CA GLY B 223 -8.39 -6.36 2.05
C GLY B 223 -7.73 -5.42 1.06
N ASP B 224 -6.43 -5.16 1.27
CA ASP B 224 -5.76 -4.27 0.33
C ASP B 224 -5.60 -4.87 -1.08
N ASP B 225 -5.96 -6.13 -1.29
CA ASP B 225 -6.04 -6.73 -2.62
C ASP B 225 -7.49 -6.92 -3.10
N GLY B 226 -8.46 -6.30 -2.45
CA GLY B 226 -9.83 -6.30 -2.90
C GLY B 226 -10.74 -7.34 -2.27
N TRP B 227 -10.19 -8.36 -1.60
CA TRP B 227 -11.02 -9.40 -0.97
C TRP B 227 -11.97 -8.81 0.07
N LYS B 228 -13.27 -9.07 -0.08
CA LYS B 228 -14.26 -8.63 0.89
C LYS B 228 -14.40 -9.66 1.99
N LEU B 229 -14.58 -9.18 3.22
CA LEU B 229 -14.60 -10.07 4.38
CA LEU B 229 -14.57 -10.04 4.40
C LEU B 229 -15.58 -9.53 5.41
N GLU B 230 -16.40 -10.41 5.95
CA GLU B 230 -17.33 -10.07 7.01
C GLU B 230 -16.89 -10.73 8.31
N HIS B 231 -17.03 -10.02 9.43
CA HIS B 231 -16.59 -10.53 10.74
C HIS B 231 -17.63 -10.24 11.81
N ARG B 232 -17.93 -11.23 12.64
CA ARG B 232 -18.89 -11.07 13.73
C ARG B 232 -18.18 -11.20 15.07
N THR B 233 -18.50 -10.28 15.99
CA THR B 233 -17.86 -10.25 17.29
C THR B 233 -18.88 -9.83 18.34
N ARG B 234 -18.58 -10.14 19.60
CA ARG B 234 -19.47 -9.81 20.70
C ARG B 234 -19.08 -8.55 21.43
N HIS B 235 -17.82 -8.09 21.32
CA HIS B 235 -17.35 -6.86 21.96
C HIS B 235 -16.35 -6.15 21.04
N LEU B 236 -16.49 -4.83 20.88
CA LEU B 236 -15.75 -4.10 19.86
C LEU B 236 -15.07 -2.86 20.44
N ILE B 237 -13.75 -2.76 20.24
CA ILE B 237 -13.00 -1.54 20.52
C ILE B 237 -12.50 -0.97 19.20
N LEU B 238 -12.84 0.28 18.92
CA LEU B 238 -12.30 1.03 17.76
C LEU B 238 -11.13 1.90 18.23
N ALA B 239 -9.92 1.34 18.13
CA ALA B 239 -8.69 2.05 18.52
C ALA B 239 -8.11 2.81 17.31
N ILE B 240 -8.90 3.78 16.84
CA ILE B 240 -8.49 4.61 15.71
C ILE B 240 -8.71 6.08 16.07
N PRO B 241 -8.04 7.00 15.38
CA PRO B 241 -8.18 8.42 15.70
C PRO B 241 -9.50 8.99 15.22
N PRO B 242 -9.89 10.18 15.74
CA PRO B 242 -11.15 10.81 15.32
C PRO B 242 -11.33 10.92 13.82
N SER B 243 -10.30 11.35 13.09
CA SER B 243 -10.41 11.48 11.63
C SER B 243 -10.86 10.18 10.97
N ALA B 244 -10.44 9.02 11.51
CA ALA B 244 -10.88 7.74 10.96
C ALA B 244 -12.26 7.33 11.48
N MET B 245 -12.62 7.69 12.73
CA MET B 245 -13.97 7.42 13.21
C MET B 245 -15.02 8.08 12.32
N ALA B 246 -14.74 9.29 11.84
CA ALA B 246 -15.70 10.02 11.03
C ALA B 246 -15.97 9.36 9.69
N GLY B 247 -15.03 8.55 9.19
CA GLY B 247 -15.24 7.84 7.93
C GLY B 247 -16.08 6.60 8.02
N LEU B 248 -16.50 6.19 9.21
CA LEU B 248 -17.35 5.04 9.35
C LEU B 248 -18.82 5.47 9.31
N ASN B 249 -19.72 4.55 9.65
CA ASN B 249 -21.16 4.83 9.69
C ASN B 249 -21.69 4.77 11.12
N VAL B 250 -20.99 5.40 12.07
CA VAL B 250 -21.28 5.19 13.48
C VAL B 250 -21.64 6.49 14.18
N ASP B 251 -22.03 7.51 13.42
CA ASP B 251 -22.50 8.79 13.96
C ASP B 251 -21.47 9.45 14.88
N PHE B 252 -20.27 9.64 14.35
CA PHE B 252 -19.21 10.29 15.11
C PHE B 252 -19.06 11.73 14.61
N PRO B 253 -18.94 12.71 15.53
CA PRO B 253 -18.84 12.61 17.00
C PRO B 253 -20.13 12.72 17.81
N GLU B 254 -21.24 13.08 17.16
CA GLU B 254 -22.43 13.51 17.90
C GLU B 254 -22.93 12.42 18.85
N ALA B 255 -22.91 11.17 18.41
CA ALA B 255 -23.40 10.07 19.24
C ALA B 255 -22.40 9.60 20.28
N TRP B 256 -21.24 10.26 20.39
CA TRP B 256 -20.16 9.79 21.25
C TRP B 256 -19.71 10.81 22.28
N SER B 257 -19.78 12.11 21.97
CA SER B 257 -19.40 13.18 22.89
C SER B 257 -19.88 14.50 22.30
N GLY B 258 -19.68 15.58 23.06
CA GLY B 258 -20.05 16.89 22.55
C GLY B 258 -19.05 17.50 21.59
N ALA B 259 -17.77 17.16 21.74
CA ALA B 259 -16.70 17.91 21.09
C ALA B 259 -16.77 17.82 19.57
N ARG B 260 -16.14 18.81 18.93
CA ARG B 260 -15.62 18.68 17.59
C ARG B 260 -14.13 18.34 17.69
N TYR B 261 -13.54 17.98 16.56
CA TYR B 261 -12.17 17.45 16.56
C TYR B 261 -11.43 17.97 15.34
N GLY B 262 -10.12 18.23 15.54
CA GLY B 262 -9.30 18.79 14.48
C GLY B 262 -7.98 18.06 14.36
N SER B 263 -7.23 18.41 13.31
CA SER B 263 -5.95 17.75 13.06
C SER B 263 -5.05 18.64 12.22
N LEU B 264 -3.74 18.39 12.33
CA LEU B 264 -2.64 19.06 11.64
C LEU B 264 -1.84 18.07 10.82
N PRO B 265 -1.35 18.46 9.65
CA PRO B 265 -0.41 17.59 8.92
C PRO B 265 1.02 17.86 9.36
N LEU B 266 1.86 16.83 9.21
CA LEU B 266 3.27 16.86 9.59
C LEU B 266 4.12 16.32 8.44
N PHE B 267 5.35 16.84 8.31
CA PHE B 267 6.29 16.43 7.26
C PHE B 267 7.71 16.35 7.80
N LYS B 268 8.42 15.28 7.46
CA LYS B 268 9.81 15.08 7.85
C LYS B 268 10.60 14.64 6.63
N GLY B 269 11.81 15.19 6.50
CA GLY B 269 12.76 14.79 5.45
C GLY B 269 14.17 14.51 5.98
N PHE B 270 14.76 13.38 5.57
CA PHE B 270 16.05 12.89 6.06
C PHE B 270 17.04 12.78 4.90
N LEU B 271 18.30 13.17 5.14
CA LEU B 271 19.33 13.12 4.10
C LEU B 271 20.63 12.59 4.69
N THR B 272 21.34 11.73 3.95
CA THR B 272 22.66 11.23 4.31
CA THR B 272 22.67 11.27 4.32
C THR B 272 23.67 11.68 3.24
N TYR B 273 24.94 11.72 3.64
CA TYR B 273 26.02 12.22 2.79
C TYR B 273 27.22 11.27 2.82
N GLY B 274 28.13 11.49 1.86
CA GLY B 274 29.37 10.73 1.84
C GLY B 274 30.32 11.07 2.99
N GLU B 275 30.30 12.32 3.46
CA GLU B 275 31.09 12.74 4.62
C GLU B 275 30.23 13.63 5.50
N PRO B 276 30.37 13.52 6.84
CA PRO B 276 29.58 14.39 7.74
C PRO B 276 30.11 15.82 7.76
N TRP B 277 29.72 16.60 6.74
CA TRP B 277 30.28 17.92 6.46
C TRP B 277 29.90 19.00 7.47
N TRP B 278 29.00 18.74 8.40
CA TRP B 278 28.61 19.76 9.38
C TRP B 278 29.43 19.69 10.67
N LEU B 279 30.32 18.70 10.83
CA LEU B 279 31.20 18.67 11.99
C LEU B 279 32.16 19.85 12.03
N ASP B 280 32.60 20.37 10.87
CA ASP B 280 33.48 21.52 10.91
C ASP B 280 32.77 22.74 11.49
N TYR B 281 31.49 22.88 11.21
CA TYR B 281 30.71 23.98 11.76
C TYR B 281 30.25 23.69 13.19
N LYS B 282 30.62 22.56 13.76
CA LYS B 282 30.25 22.17 15.13
C LYS B 282 28.74 22.12 15.32
N LEU B 283 28.03 21.57 14.33
CA LEU B 283 26.58 21.50 14.37
C LEU B 283 26.07 20.14 14.83
N ASP B 284 26.97 19.18 15.05
CA ASP B 284 26.52 17.86 15.48
C ASP B 284 25.71 17.96 16.77
N ASP B 285 24.57 17.25 16.79
CA ASP B 285 23.66 17.24 17.94
C ASP B 285 23.04 18.62 18.22
N GLN B 286 22.90 19.47 17.20
CA GLN B 286 22.30 20.79 17.32
C GLN B 286 21.07 20.91 16.42
N VAL B 287 20.15 21.79 16.83
CA VAL B 287 18.93 22.10 16.08
C VAL B 287 18.85 23.60 15.86
N LEU B 288 18.53 23.99 14.62
CA LEU B 288 18.39 25.39 14.23
C LEU B 288 16.94 25.65 13.86
N ILE B 289 16.36 26.68 14.45
CA ILE B 289 15.01 27.12 14.11
C ILE B 289 15.17 28.37 13.26
N VAL B 290 14.59 28.36 12.06
CA VAL B 290 14.84 29.38 11.06
C VAL B 290 13.51 29.80 10.45
N ASP B 291 13.52 30.97 9.82
CA ASP B 291 12.32 31.52 9.19
C ASP B 291 12.04 30.91 7.82
N ASN B 292 13.06 30.39 7.12
CA ASN B 292 12.86 29.84 5.78
C ASN B 292 12.13 28.48 5.88
N PRO B 293 11.65 27.95 4.74
CA PRO B 293 10.74 26.78 4.78
C PRO B 293 11.25 25.52 5.49
N LEU B 294 12.55 25.35 5.73
CA LEU B 294 12.97 24.17 6.50
C LEU B 294 12.47 24.23 7.96
N ARG B 295 12.32 25.45 8.51
CA ARG B 295 11.78 25.72 9.84
C ARG B 295 12.63 25.17 10.99
N LYS B 296 12.86 23.86 11.04
CA LYS B 296 13.62 23.24 12.12
C LYS B 296 14.59 22.23 11.51
N ILE B 297 15.89 22.48 11.70
CA ILE B 297 16.96 21.71 11.06
C ILE B 297 17.78 21.04 12.15
N TYR B 298 17.90 19.71 12.06
CA TYR B 298 18.58 18.91 13.08
C TYR B 298 19.77 18.19 12.46
N PHE B 299 20.88 18.15 13.20
CA PHE B 299 22.07 17.39 12.80
C PHE B 299 22.29 16.32 13.85
N LYS B 300 22.29 15.06 13.43
CA LYS B 300 22.27 13.92 14.33
C LYS B 300 23.66 13.29 14.37
N GLY B 301 24.44 13.68 15.38
CA GLY B 301 25.80 13.18 15.49
C GLY B 301 26.55 13.44 14.21
N ASP B 302 27.18 12.39 13.69
CA ASP B 302 27.84 12.41 12.39
C ASP B 302 27.13 11.49 11.38
N LYS B 303 25.84 11.20 11.59
CA LYS B 303 25.08 10.18 10.87
C LYS B 303 24.19 10.73 9.75
N TYR B 304 23.40 11.75 10.02
CA TYR B 304 22.45 12.29 9.04
C TYR B 304 21.94 13.62 9.60
N LEU B 305 21.17 14.32 8.77
CA LEU B 305 20.46 15.51 9.18
C LEU B 305 19.03 15.37 8.72
N PHE B 306 18.12 16.16 9.30
CA PHE B 306 16.74 16.15 8.85
C PHE B 306 16.07 17.48 9.19
N PHE B 307 14.87 17.68 8.64
CA PHE B 307 14.04 18.84 8.97
C PHE B 307 12.59 18.37 9.17
N TYR B 308 11.79 19.23 9.83
CA TYR B 308 10.49 18.87 10.38
C TYR B 308 9.55 20.07 10.38
N THR B 309 8.37 19.93 9.78
CA THR B 309 7.43 21.02 9.59
C THR B 309 6.00 20.55 9.83
N ASP B 310 5.10 21.52 10.08
CA ASP B 310 3.70 21.22 10.32
C ASP B 310 2.80 22.27 9.66
N SER B 311 1.53 21.91 9.51
CA SER B 311 0.48 22.86 9.07
C SER B 311 0.83 23.33 7.66
N GLU B 312 0.73 24.63 7.37
CA GLU B 312 0.93 25.10 5.99
C GLU B 312 2.30 24.71 5.46
N MET B 313 3.31 24.64 6.31
CA MET B 313 4.65 24.34 5.81
C MET B 313 4.82 22.85 5.49
N ALA B 314 4.11 21.97 6.21
CA ALA B 314 4.06 20.55 5.81
C ALA B 314 3.42 20.38 4.43
N ASN B 315 2.30 21.09 4.18
CA ASN B 315 1.66 21.01 2.87
C ASN B 315 2.54 21.62 1.78
N TYR B 316 3.40 22.57 2.15
CA TYR B 316 4.29 23.15 1.16
C TYR B 316 5.30 22.12 0.64
N TRP B 317 5.90 21.35 1.55
CA TRP B 317 6.90 20.36 1.14
C TRP B 317 6.26 19.17 0.43
N ARG B 318 5.06 18.75 0.84
CA ARG B 318 4.41 17.64 0.15
C ARG B 318 4.07 18.01 -1.29
N GLY B 319 3.59 19.24 -1.51
CA GLY B 319 3.38 19.69 -2.88
C GLY B 319 4.66 19.83 -3.66
N CYS B 320 5.77 20.16 -2.98
CA CYS B 320 7.06 20.26 -3.64
CA CYS B 320 7.06 20.26 -3.64
C CYS B 320 7.62 18.90 -4.04
N VAL B 321 7.30 17.86 -3.28
CA VAL B 321 7.74 16.52 -3.63
C VAL B 321 6.99 16.02 -4.85
N ALA B 322 5.71 16.40 -4.95
CA ALA B 322 4.88 15.99 -6.08
C ALA B 322 5.37 16.59 -7.39
N GLU B 323 5.90 17.81 -7.36
CA GLU B 323 6.42 18.46 -8.55
C GLU B 323 7.80 17.94 -8.95
N GLY B 324 8.28 16.87 -8.34
CA GLY B 324 9.54 16.28 -8.74
C GLY B 324 10.60 16.24 -7.65
N GLU B 325 11.33 15.13 -7.59
CA GLU B 325 12.43 15.01 -6.64
C GLU B 325 13.52 16.04 -6.86
N ASP B 326 13.78 16.41 -8.12
CA ASP B 326 14.94 17.23 -8.46
C ASP B 326 14.86 18.59 -7.78
N GLY B 327 13.74 19.30 -7.97
CA GLY B 327 13.59 20.61 -7.38
C GLY B 327 13.50 20.58 -5.88
N TYR B 328 12.91 19.52 -5.32
CA TYR B 328 12.85 19.32 -3.88
C TYR B 328 14.24 19.37 -3.28
N LEU B 329 15.15 18.49 -3.74
CA LEU B 329 16.52 18.51 -3.23
C LEU B 329 17.22 19.84 -3.49
N GLU B 330 16.93 20.49 -4.62
CA GLU B 330 17.58 21.77 -4.86
C GLU B 330 17.03 22.86 -3.95
N GLN B 331 15.74 22.80 -3.60
CA GLN B 331 15.19 23.78 -2.66
CA GLN B 331 15.19 23.78 -2.66
C GLN B 331 15.80 23.61 -1.27
N ILE B 332 15.96 22.36 -0.82
CA ILE B 332 16.58 22.09 0.48
C ILE B 332 17.99 22.67 0.51
N ARG B 333 18.73 22.55 -0.59
CA ARG B 333 20.11 22.99 -0.63
C ARG B 333 20.23 24.50 -0.46
N THR B 334 19.35 25.25 -1.13
CA THR B 334 19.28 26.69 -0.96
C THR B 334 19.07 27.07 0.50
N HIS B 335 18.05 26.46 1.13
CA HIS B 335 17.68 26.85 2.49
C HIS B 335 18.68 26.37 3.53
N LEU B 336 19.38 25.26 3.28
CA LEU B 336 20.50 24.93 4.16
C LEU B 336 21.59 26.00 4.09
N ALA B 337 21.79 26.58 2.90
CA ALA B 337 22.80 27.63 2.76
C ALA B 337 22.42 28.91 3.51
N SER B 338 21.15 29.35 3.38
CA SER B 338 20.71 30.52 4.15
C SER B 338 20.91 30.28 5.65
N ALA B 339 20.45 29.12 6.14
CA ALA B 339 20.44 28.86 7.58
C ALA B 339 21.84 28.87 8.18
N LEU B 340 22.85 28.51 7.38
CA LEU B 340 24.23 28.45 7.86
C LEU B 340 25.06 29.67 7.47
N GLY B 341 24.49 30.61 6.72
CA GLY B 341 25.23 31.78 6.30
C GLY B 341 26.41 31.49 5.38
N ILE B 342 26.20 30.63 4.39
CA ILE B 342 27.25 30.30 3.44
C ILE B 342 26.63 30.33 2.06
N VAL B 343 27.34 29.83 1.07
CA VAL B 343 26.84 29.75 -0.28
C VAL B 343 26.44 28.34 -0.62
N ARG B 344 25.64 28.22 -1.66
CA ARG B 344 25.07 26.98 -2.12
C ARG B 344 26.10 25.92 -2.44
N GLU B 345 27.18 26.35 -3.04
CA GLU B 345 28.25 25.46 -3.43
C GLU B 345 28.94 24.77 -2.27
N ARG B 346 28.90 25.33 -1.07
CA ARG B 346 29.54 24.70 0.09
CA ARG B 346 29.55 24.69 0.07
C ARG B 346 28.73 23.53 0.65
N ILE B 347 27.54 23.27 0.13
CA ILE B 347 26.67 22.24 0.67
C ILE B 347 26.62 21.09 -0.33
N PRO B 348 27.14 19.92 0.01
CA PRO B 348 27.19 18.82 -0.96
C PRO B 348 25.81 18.32 -1.34
N GLN B 349 25.79 17.51 -2.39
CA GLN B 349 24.65 16.70 -2.77
CA GLN B 349 24.62 16.74 -2.73
C GLN B 349 24.58 15.45 -1.89
N PRO B 350 23.38 14.95 -1.58
CA PRO B 350 23.27 13.77 -0.72
C PRO B 350 23.49 12.46 -1.48
N LEU B 351 23.83 11.42 -0.72
CA LEU B 351 23.80 10.06 -1.26
C LEU B 351 22.37 9.57 -1.39
N ALA B 352 21.65 9.56 -0.28
CA ALA B 352 20.30 9.05 -0.17
C ALA B 352 19.47 10.01 0.66
N HIS B 353 18.15 9.93 0.47
CA HIS B 353 17.22 10.69 1.29
C HIS B 353 15.91 9.93 1.38
N VAL B 354 15.06 10.33 2.33
CA VAL B 354 13.74 9.71 2.48
C VAL B 354 12.84 10.72 3.19
N HIS B 355 11.54 10.71 2.84
CA HIS B 355 10.60 11.65 3.46
C HIS B 355 9.27 10.96 3.79
N LYS B 356 8.48 11.61 4.65
CA LYS B 356 7.16 11.11 5.01
C LYS B 356 6.22 12.28 5.31
N TYR B 357 5.01 12.21 4.76
CA TYR B 357 3.94 13.16 4.98
C TYR B 357 2.80 12.47 5.70
N TRP B 358 2.27 13.11 6.73
CA TRP B 358 1.15 12.58 7.51
C TRP B 358 0.01 13.56 7.42
N ALA B 359 -1.03 13.23 6.65
CA ALA B 359 -2.18 14.12 6.49
C ALA B 359 -2.82 14.47 7.84
N HIS B 360 -2.88 13.53 8.76
CA HIS B 360 -3.47 13.76 10.08
C HIS B 360 -2.41 13.36 11.10
N GLY B 361 -1.35 14.16 11.18
CA GLY B 361 -0.24 13.81 12.05
C GLY B 361 -0.57 13.96 13.53
N VAL B 362 -1.12 15.11 13.90
CA VAL B 362 -1.63 15.38 15.26
C VAL B 362 -3.14 15.50 15.18
N GLU B 363 -3.84 14.77 16.04
CA GLU B 363 -5.29 14.88 16.15
C GLU B 363 -5.63 15.28 17.58
N PHE B 364 -6.37 16.36 17.73
CA PHE B 364 -6.47 16.93 19.05
C PHE B 364 -7.89 17.26 19.45
N CYS B 365 -7.95 17.96 20.55
CA CYS B 365 -9.00 17.76 21.49
C CYS B 365 -10.03 18.91 21.53
N ARG B 366 -9.76 20.07 20.90
CA ARG B 366 -10.63 21.25 20.91
C ARG B 366 -11.35 21.49 22.24
N HIS B 372 -14.55 15.39 29.21
CA HIS B 372 -14.03 14.48 28.21
C HIS B 372 -13.22 13.40 28.89
N PRO B 373 -13.81 12.22 28.98
CA PRO B 373 -13.17 11.05 29.58
C PRO B 373 -12.14 10.42 28.67
N SER B 374 -11.29 9.58 29.23
CA SER B 374 -10.22 8.95 28.49
C SER B 374 -10.59 8.16 27.24
N ALA B 375 -11.63 7.34 27.31
CA ALA B 375 -12.17 6.63 26.16
C ALA B 375 -13.68 6.87 26.09
N LEU B 376 -14.27 6.56 24.93
CA LEU B 376 -15.66 6.90 24.65
C LEU B 376 -16.50 5.64 24.45
N SER B 377 -17.82 5.83 24.58
CA SER B 377 -18.81 4.79 24.30
C SER B 377 -19.90 5.38 23.41
N HIS B 378 -20.31 4.62 22.39
CA HIS B 378 -21.54 4.92 21.67
C HIS B 378 -22.74 4.74 22.61
N ARG B 379 -23.55 5.79 22.76
CA ARG B 379 -24.65 5.72 23.72
C ARG B 379 -25.58 4.55 23.41
N ASP B 380 -25.91 4.31 22.14
CA ASP B 380 -26.83 3.24 21.79
C ASP B 380 -26.16 1.86 21.76
N SER B 381 -25.09 1.70 20.99
CA SER B 381 -24.56 0.38 20.65
C SER B 381 -23.54 -0.18 21.62
N GLY B 382 -22.94 0.63 22.48
CA GLY B 382 -21.92 0.11 23.38
C GLY B 382 -20.57 -0.19 22.76
N ILE B 383 -20.29 0.29 21.55
CA ILE B 383 -18.94 0.21 21.01
C ILE B 383 -18.05 1.19 21.76
N ILE B 384 -16.80 0.80 21.99
CA ILE B 384 -15.81 1.63 22.68
C ILE B 384 -14.80 2.22 21.69
N ALA B 385 -14.44 3.50 21.90
CA ALA B 385 -13.48 4.22 21.09
C ALA B 385 -12.24 4.59 21.90
N CYS B 386 -11.06 4.50 21.27
CA CYS B 386 -9.79 4.57 21.97
C CYS B 386 -8.78 5.36 21.13
N SER B 387 -8.22 6.43 21.69
CA SER B 387 -7.32 7.31 20.94
C SER B 387 -6.62 8.27 21.90
N ASP B 388 -5.42 8.73 21.48
CA ASP B 388 -4.72 9.73 22.28
C ASP B 388 -5.46 11.06 22.28
N ALA B 389 -6.28 11.33 21.26
CA ALA B 389 -6.99 12.60 21.15
C ALA B 389 -8.07 12.81 22.21
N TYR B 390 -8.49 11.78 22.95
CA TYR B 390 -9.48 11.90 24.01
C TYR B 390 -8.89 12.21 25.38
N THR B 391 -7.57 12.40 25.47
CA THR B 391 -6.88 12.58 26.74
C THR B 391 -6.25 13.97 26.83
N GLU B 392 -5.66 14.24 28.01
CA GLU B 392 -4.87 15.45 28.23
C GLU B 392 -3.55 15.43 27.48
N HIS B 393 -3.08 14.24 27.08
CA HIS B 393 -1.90 14.10 26.23
C HIS B 393 -2.28 13.84 24.78
N CYS B 394 -3.33 14.50 24.32
CA CYS B 394 -3.64 14.47 22.90
C CYS B 394 -2.42 14.94 22.12
N GLY B 395 -2.00 14.10 21.18
CA GLY B 395 -0.82 14.32 20.36
C GLY B 395 0.43 13.55 20.77
N TRP B 396 0.33 12.59 21.69
CA TRP B 396 1.49 11.96 22.31
C TRP B 396 1.21 10.48 22.57
N MET B 397 2.24 9.64 22.44
CA MET B 397 2.06 8.20 22.71
C MET B 397 1.50 7.97 24.11
N GLU B 398 1.97 8.74 25.11
CA GLU B 398 1.45 8.65 26.46
C GLU B 398 -0.07 8.73 26.50
N GLY B 399 -0.66 9.58 25.66
CA GLY B 399 -2.12 9.65 25.59
C GLY B 399 -2.74 8.36 25.10
N GLY B 400 -2.08 7.68 24.16
CA GLY B 400 -2.57 6.40 23.72
C GLY B 400 -2.59 5.36 24.83
N LEU B 401 -1.59 5.38 25.70
CA LEU B 401 -1.56 4.44 26.83
C LEU B 401 -2.66 4.73 27.83
N LEU B 402 -2.93 6.01 28.09
CA LEU B 402 -3.98 6.36 29.03
C LEU B 402 -5.36 5.98 28.49
N SER B 403 -5.62 6.23 27.20
CA SER B 403 -6.93 5.88 26.66
C SER B 403 -7.14 4.36 26.65
N ALA B 404 -6.08 3.61 26.36
CA ALA B 404 -6.21 2.15 26.30
C ALA B 404 -6.62 1.56 27.64
N ARG B 405 -6.15 2.15 28.74
CA ARG B 405 -6.45 1.50 30.02
C ARG B 405 -7.87 1.80 30.47
N GLU B 406 -8.37 3.02 30.21
CA GLU B 406 -9.79 3.28 30.40
C GLU B 406 -10.62 2.40 29.46
N ALA B 407 -10.25 2.32 28.17
CA ALA B 407 -11.06 1.58 27.21
C ALA B 407 -11.12 0.09 27.58
N SER B 408 -10.00 -0.51 27.95
CA SER B 408 -10.10 -1.90 28.38
C SER B 408 -10.90 -2.04 29.67
N ARG B 409 -10.92 -1.01 30.53
CA ARG B 409 -11.74 -1.06 31.73
C ARG B 409 -13.23 -1.04 31.39
N LEU B 410 -13.65 -0.08 30.57
CA LEU B 410 -15.03 -0.01 30.12
C LEU B 410 -15.51 -1.34 29.52
N LEU B 411 -14.63 -2.04 28.80
CA LEU B 411 -15.03 -3.29 28.16
C LEU B 411 -15.10 -4.44 29.17
N LEU B 412 -14.23 -4.44 30.17
CA LEU B 412 -14.33 -5.45 31.21
C LEU B 412 -15.65 -5.36 31.98
N GLN B 413 -16.21 -4.15 32.10
CA GLN B 413 -17.50 -4.02 32.79
C GLN B 413 -18.68 -4.33 31.87
N ARG B 414 -18.51 -4.24 30.55
CA ARG B 414 -19.53 -4.78 29.65
C ARG B 414 -19.59 -6.29 29.75
N ILE B 415 -18.45 -6.93 30.00
CA ILE B 415 -18.40 -8.39 30.03
C ILE B 415 -18.92 -8.93 31.36
N ALA B 416 -18.83 -8.17 32.46
CA ALA B 416 -19.28 -8.62 33.76
C ALA B 416 -20.65 -8.08 34.14
N ALA B 417 -21.44 -7.62 33.17
CA ALA B 417 -22.75 -7.00 33.44
C ALA B 417 -23.91 -7.91 33.06
PA FAD C . -2.10 -4.01 -16.08
O1A FAD C . -0.89 -4.90 -15.90
O2A FAD C . -3.25 -4.56 -15.29
O5B FAD C . -1.72 -2.51 -15.70
C5B FAD C . -2.74 -1.60 -15.31
C4B FAD C . -2.13 -0.60 -14.40
O4B FAD C . -3.06 0.57 -14.25
C3B FAD C . -1.84 -1.11 -13.04
O3B FAD C . -0.48 -0.78 -12.73
C2B FAD C . -2.74 -0.40 -12.08
O2B FAD C . -2.12 -0.09 -10.80
C1B FAD C . -3.03 0.86 -12.78
N9A FAD C . -4.25 1.46 -12.46
C8A FAD C . -5.41 1.06 -12.53
N7A FAD C . -6.21 1.73 -12.26
C5A FAD C . -6.01 2.87 -11.93
C6A FAD C . -6.55 4.29 -11.45
N6A FAD C . -7.92 4.51 -11.29
N1A FAD C . -5.58 5.30 -11.19
C2A FAD C . -4.39 5.03 -11.35
N3A FAD C . -3.88 4.02 -11.69
C4A FAD C . -4.39 2.97 -11.99
N1 FAD C . 0.13 -12.88 -19.43
C2 FAD C . 0.98 -13.65 -20.36
O2 FAD C . 1.16 -13.22 -21.48
N3 FAD C . 1.53 -14.89 -19.97
C4 FAD C . 1.37 -15.37 -18.70
O4 FAD C . 2.00 -16.33 -18.33
C4X FAD C . 0.51 -14.62 -17.76
N5 FAD C . 0.30 -15.06 -16.53
C5X FAD C . -0.51 -14.26 -15.60
C6 FAD C . -0.70 -14.72 -14.29
C7 FAD C . -1.47 -13.97 -13.38
C7M FAD C . -1.69 -14.48 -11.97
C8 FAD C . -2.01 -12.75 -13.79
C8M FAD C . -2.84 -11.91 -12.82
C9 FAD C . -1.81 -12.28 -15.09
C9A FAD C . -1.05 -13.03 -16.01
N10 FAD C . -0.85 -12.55 -17.33
C10 FAD C . -0.08 -13.33 -18.22
C1' FAD C . -1.43 -11.27 -17.84
C2' FAD C . -0.55 -10.06 -17.95
O2' FAD C . -0.12 -9.79 -16.66
C3' FAD C . -1.46 -8.94 -18.42
O3' FAD C . -2.21 -9.32 -19.56
C4' FAD C . -0.71 -7.68 -18.73
O4' FAD C . 0.40 -7.52 -17.87
C5' FAD C . -1.66 -6.51 -18.51
O5' FAD C . -1.04 -5.36 -19.08
P FAD C . -1.78 -3.96 -18.94
O1P FAD C . -0.69 -2.93 -18.94
O2P FAD C . -2.77 -3.82 -20.07
O3P FAD C . -2.63 -3.96 -17.58
N TRP D . -2.81 -16.67 -19.55
CA TRP D . -2.75 -16.61 -18.10
C TRP D . -2.39 -17.95 -17.48
O TRP D . -2.36 -18.94 -18.23
CB TRP D . -4.07 -16.13 -17.52
CG TRP D . -5.29 -16.70 -18.25
CD1 TRP D . -5.63 -16.37 -19.55
CD2 TRP D . -6.25 -17.53 -17.75
NE1 TRP D . -6.79 -17.01 -19.84
CE2 TRP D . -7.18 -17.73 -18.73
CE3 TRP D . -6.37 -18.12 -16.48
CZ2 TRP D . -8.28 -18.56 -18.48
CZ3 TRP D . -7.44 -18.93 -16.23
CH2 TRP D . -8.40 -19.14 -17.23
OXT TRP D . -2.11 -18.10 -16.27
C1 EDO E . -6.57 -35.96 -4.52
O1 EDO E . -5.29 -35.87 -3.88
C2 EDO E . -6.23 -35.72 -5.96
O2 EDO E . -5.01 -36.44 -6.12
MG MG F . -0.79 -0.15 -18.32
PA FAD G . -2.30 5.42 15.51
O1A FAD G . -0.79 5.31 15.67
O2A FAD G . -2.68 6.50 14.50
O5B FAD G . -2.86 4.01 15.07
C5B FAD G . -4.17 3.96 14.52
C4B FAD G . -4.24 2.74 13.69
O4B FAD G . -5.67 2.48 13.29
C3B FAD G . -3.45 2.91 12.47
O3B FAD G . -2.44 1.88 12.45
C2B FAD G . -4.39 2.78 11.32
O2B FAD G . -3.83 2.08 10.19
C1B FAD G . -5.52 2.02 11.87
N9A FAD G . -6.75 2.25 11.23
C8A FAD G . -7.37 3.30 11.03
N7A FAD G . -8.33 3.28 10.53
C5A FAD G . -8.84 2.24 10.17
C6A FAD G . -10.05 1.46 9.47
N6A FAD G . -11.17 2.14 8.96
N1A FAD G . -9.94 0.04 9.36
C2A FAD G . -8.93 -0.48 9.82
N3A FAD G . -7.97 0.01 10.37
C4A FAD G . -7.72 1.15 10.63
N1 FAD G . 4.19 11.19 19.93
C2 FAD G . 5.10 11.28 21.10
O2 FAD G . 4.68 10.92 22.17
N3 FAD G . 6.42 11.82 20.93
C4 FAD G . 6.86 12.21 19.68
O4 FAD G . 8.01 12.56 19.48
C4X FAD G . 5.95 12.11 18.53
N5 FAD G . 6.33 12.48 17.33
C5X FAD G . 5.40 12.33 16.19
C6 FAD G . 5.82 12.71 14.91
C7 FAD G . 4.96 12.57 13.82
C7M FAD G . 5.47 13.00 12.44
C8 FAD G . 3.68 12.04 14.02
C8M FAD G . 2.68 11.85 12.88
C9 FAD G . 3.28 11.65 15.29
C9A FAD G . 4.13 11.80 16.39
N10 FAD G . 3.71 11.40 17.69
C10 FAD G . 4.59 11.56 18.75
C1' FAD G . 2.34 10.88 17.97
C2' FAD G . 2.18 9.40 18.16
O2' FAD G . 2.60 8.82 16.98
C3' FAD G . 0.67 9.18 18.36
O3' FAD G . 0.19 9.96 19.42
C4' FAD G . 0.39 7.74 18.67
O4' FAD G . 1.25 6.90 17.95
C5' FAD G . -1.05 7.41 18.30
O5' FAD G . -1.30 6.07 18.71
P FAD G . -2.71 5.45 18.36
O1P FAD G . -2.61 3.95 18.57
O2P FAD G . -3.76 6.06 19.26
O3P FAD G . -3.06 5.85 16.86
N TRP H . 4.68 16.58 19.90
CA TRP H . 4.85 15.83 18.68
C TRP H . 6.18 16.21 18.11
O TRP H . 6.30 16.67 17.00
CB TRP H . 3.75 16.13 17.67
CG TRP H . 2.90 17.33 18.04
CD1 TRP H . 2.09 17.21 19.11
CD2 TRP H . 2.74 18.54 17.51
NE1 TRP H . 1.41 18.35 19.22
CE2 TRP H . 1.82 19.17 18.25
CE3 TRP H . 3.34 19.16 16.41
CZ2 TRP H . 1.45 20.46 17.92
CZ3 TRP H . 2.99 20.44 16.08
CH2 TRP H . 2.05 21.07 16.84
OXT TRP H . 7.20 16.05 18.78
C1 EDO I . 34.15 17.53 7.85
O1 EDO I . 33.75 17.35 9.22
C2 EDO I . 34.27 16.17 7.17
O2 EDO I . 33.88 16.33 5.80
MG MG J . -4.59 1.77 17.70
#